data_3D4N
#
_entry.id   3D4N
#
_cell.length_a   56.619
_cell.length_b   153.759
_cell.length_c   73.908
_cell.angle_alpha   90.00
_cell.angle_beta   93.11
_cell.angle_gamma   90.00
#
_symmetry.space_group_name_H-M   'P 1 21 1'
#
loop_
_entity.id
_entity.type
_entity.pdbx_description
1 polymer 'Corticosteroid 11-beta-dehydrogenase isozyme 1'
2 non-polymer 'NADP NICOTINAMIDE-ADENINE-DINUCLEOTIDE PHOSPHATE'
3 non-polymer 1-{[(3R)-3-methyl-4-({4-[(1S)-2,2,2-trifluoro-1-hydroxy-1-methylethyl]phenyl}sulfonyl)piperazin-1-yl]methyl}cyclopropanecarboxamide
4 water water
#
_entity_poly.entity_id   1
_entity_poly.type   'polypeptide(L)'
_entity_poly.pdbx_seq_one_letter_code
;MKHQHQHQHQHQHQQPLNEEFRPEMLQGKKVIVTGASKGIGREMAYHLAKMGAHVVVTARSKETLQKVVSHCLELGAASA
HYIAGTMEDMTFAEQFVAQAGKLMGGLDMLILNHITNTSLNLFHDDIHHVRKSMEVNFLSYVVLTVAALPMLKQSNGSIV
VVSSLAGKVAYPMVAAYSASKFALDGFFSSIRKEYSVSRVNVSITLCVLGLIDTETAMKAVSGIVHMQAAPKEECALEII
KGGALRQEEVYYDSSLWTTLLIRNPSRKILEFLYSTSYNMDRFINK
;
_entity_poly.pdbx_strand_id   A,B,C,D
#
# COMPACT_ATOMS: atom_id res chain seq x y z
N GLN A 15 3.85 22.81 -3.97
CA GLN A 15 2.72 23.78 -4.02
C GLN A 15 2.17 23.94 -5.44
N PRO A 16 1.17 23.11 -5.80
CA PRO A 16 0.52 23.19 -7.11
C PRO A 16 -0.62 24.20 -7.15
N LEU A 17 -1.34 24.25 -8.27
CA LEU A 17 -2.41 25.23 -8.46
C LEU A 17 -3.78 24.55 -8.49
N ASN A 18 -4.60 24.85 -7.50
CA ASN A 18 -5.92 24.20 -7.34
C ASN A 18 -6.84 24.34 -8.54
N GLU A 19 -6.61 25.36 -9.36
CA GLU A 19 -7.46 25.63 -10.53
C GLU A 19 -7.20 24.68 -11.70
N GLU A 20 -8.11 24.68 -12.66
CA GLU A 20 -7.96 23.89 -13.87
C GLU A 20 -6.95 24.54 -14.80
N PHE A 21 -6.51 23.80 -15.80
CA PHE A 21 -5.58 24.31 -16.78
C PHE A 21 -6.29 25.00 -17.94
N ARG A 22 -5.73 26.13 -18.39
CA ARG A 22 -6.20 26.76 -19.61
C ARG A 22 -5.01 27.11 -20.52
N PRO A 23 -5.18 26.90 -21.83
CA PRO A 23 -4.16 27.21 -22.82
C PRO A 23 -3.39 28.51 -22.57
N GLU A 24 -4.11 29.56 -22.14
CA GLU A 24 -3.54 30.90 -21.96
C GLU A 24 -2.46 30.99 -20.89
N MET A 25 -2.31 29.93 -20.09
CA MET A 25 -1.26 29.89 -19.10
C MET A 25 0.11 29.77 -19.79
N LEU A 26 0.08 29.47 -21.09
CA LEU A 26 1.29 29.31 -21.87
C LEU A 26 1.54 30.48 -22.82
N GLN A 27 0.47 31.21 -23.13
CA GLN A 27 0.57 32.31 -24.08
C GLN A 27 1.71 33.24 -23.70
N GLY A 28 2.70 33.33 -24.59
CA GLY A 28 3.82 34.25 -24.38
C GLY A 28 4.87 33.76 -23.40
N LYS A 29 4.75 32.51 -22.98
CA LYS A 29 5.74 31.92 -22.09
C LYS A 29 6.93 31.38 -22.88
N LYS A 30 8.14 31.62 -22.37
CA LYS A 30 9.35 31.17 -23.05
C LYS A 30 9.72 29.75 -22.60
N VAL A 31 9.64 28.82 -23.55
CA VAL A 31 9.74 27.40 -23.27
C VAL A 31 10.77 26.66 -24.12
N ILE A 32 11.69 25.97 -23.47
CA ILE A 32 12.61 25.08 -24.17
C ILE A 32 12.00 23.69 -24.19
N VAL A 33 12.15 22.99 -25.31
CA VAL A 33 11.76 21.58 -25.37
C VAL A 33 12.91 20.80 -26.00
N THR A 34 13.43 19.82 -25.29
CA THR A 34 14.52 19.00 -25.83
C THR A 34 13.97 17.73 -26.47
N GLY A 35 14.78 17.13 -27.36
CA GLY A 35 14.36 15.92 -28.05
C GLY A 35 13.03 16.15 -28.75
N ALA A 36 12.90 17.31 -29.38
CA ALA A 36 11.62 17.71 -29.98
C ALA A 36 11.56 17.66 -31.51
N SER A 37 12.30 16.75 -32.13
CA SER A 37 12.26 16.63 -33.58
C SER A 37 11.25 15.58 -34.00
N LYS A 38 10.85 14.72 -33.07
CA LYS A 38 9.82 13.73 -33.36
C LYS A 38 9.05 13.29 -32.10
N GLY A 39 8.10 12.36 -32.29
CA GLY A 39 7.32 11.82 -31.18
C GLY A 39 6.77 12.84 -30.21
N ILE A 40 6.82 12.51 -28.92
CA ILE A 40 6.21 13.34 -27.89
C ILE A 40 6.82 14.75 -27.86
N GLY A 41 8.13 14.83 -28.01
CA GLY A 41 8.82 16.12 -28.04
C GLY A 41 8.23 17.06 -29.07
N ARG A 42 8.10 16.56 -30.30
CA ARG A 42 7.51 17.36 -31.39
C ARG A 42 6.06 17.77 -31.09
N GLU A 43 5.28 16.86 -30.50
CA GLU A 43 3.90 17.18 -30.16
C GLU A 43 3.84 18.31 -29.13
N MET A 44 4.80 18.34 -28.22
CA MET A 44 4.80 19.40 -27.20
C MET A 44 5.07 20.78 -27.80
N ALA A 45 6.08 20.88 -28.67
CA ALA A 45 6.34 22.13 -29.36
C ALA A 45 5.08 22.56 -30.12
N TYR A 46 4.45 21.61 -30.79
CA TYR A 46 3.20 21.86 -31.52
C TYR A 46 2.09 22.43 -30.63
N HIS A 47 1.84 21.80 -29.48
CA HIS A 47 0.82 22.28 -28.55
C HIS A 47 1.17 23.66 -28.00
N LEU A 48 2.45 23.85 -27.69
CA LEU A 48 2.91 25.14 -27.18
C LEU A 48 2.68 26.25 -28.20
N ALA A 49 2.96 25.95 -29.46
CA ALA A 49 2.78 26.89 -30.55
C ALA A 49 1.31 27.27 -30.70
N LYS A 50 0.44 26.28 -30.62
CA LYS A 50 -1.00 26.51 -30.65
C LYS A 50 -1.42 27.47 -29.54
N MET A 51 -0.63 27.56 -28.47
CA MET A 51 -0.99 28.36 -27.31
C MET A 51 -0.34 29.75 -27.34
N GLY A 52 0.46 30.00 -28.36
CA GLY A 52 1.11 31.29 -28.52
C GLY A 52 2.30 31.42 -27.59
N ALA A 53 2.98 30.32 -27.33
CA ALA A 53 4.17 30.36 -26.50
C ALA A 53 5.37 30.69 -27.37
N HIS A 54 6.45 31.16 -26.74
CA HIS A 54 7.75 31.30 -27.40
C HIS A 54 8.49 29.98 -27.24
N VAL A 55 9.01 29.44 -28.34
CA VAL A 55 9.58 28.10 -28.29
C VAL A 55 10.97 27.96 -28.93
N VAL A 56 11.85 27.29 -28.21
CA VAL A 56 13.12 26.86 -28.76
C VAL A 56 13.22 25.33 -28.64
N VAL A 57 13.40 24.66 -29.76
CA VAL A 57 13.49 23.20 -29.76
C VAL A 57 14.90 22.75 -30.09
N THR A 58 15.20 21.50 -29.79
CA THR A 58 16.52 20.97 -30.09
C THR A 58 16.58 19.45 -30.31
N ALA A 59 17.68 19.04 -30.94
CA ALA A 59 17.86 17.68 -31.38
C ALA A 59 19.13 17.70 -32.22
N ARG A 60 19.57 16.54 -32.70
CA ARG A 60 20.77 16.48 -33.52
C ARG A 60 20.45 16.86 -34.96
N SER A 61 19.34 16.35 -35.47
CA SER A 61 19.00 16.51 -36.88
C SER A 61 18.39 17.85 -37.22
N LYS A 62 19.19 18.74 -37.83
CA LYS A 62 18.71 20.07 -38.18
C LYS A 62 17.56 20.07 -39.21
N GLU A 63 17.58 19.11 -40.13
CA GLU A 63 16.56 19.05 -41.18
C GLU A 63 15.14 18.96 -40.62
N THR A 64 14.89 17.93 -39.82
CA THR A 64 13.58 17.72 -39.21
C THR A 64 13.23 18.83 -38.22
N LEU A 65 14.21 19.26 -37.43
CA LEU A 65 14.00 20.41 -36.56
C LEU A 65 13.43 21.58 -37.36
N GLN A 66 13.98 21.80 -38.55
CA GLN A 66 13.52 22.85 -39.43
C GLN A 66 12.02 22.73 -39.72
N LYS A 67 11.56 21.49 -39.91
CA LYS A 67 10.14 21.23 -40.16
C LYS A 67 9.28 21.51 -38.94
N VAL A 68 9.77 21.14 -37.75
CA VAL A 68 9.03 21.43 -36.54
C VAL A 68 8.85 22.95 -36.39
N VAL A 69 9.94 23.68 -36.61
CA VAL A 69 9.93 25.13 -36.46
C VAL A 69 8.93 25.78 -37.41
N SER A 70 8.95 25.34 -38.66
CA SER A 70 8.09 25.90 -39.67
C SER A 70 6.63 25.69 -39.31
N HIS A 71 6.33 24.52 -38.76
CA HIS A 71 4.95 24.20 -38.43
C HIS A 71 4.50 24.97 -37.19
N CYS A 72 5.41 25.16 -36.25
CA CYS A 72 5.11 25.94 -35.05
C CYS A 72 4.66 27.34 -35.42
N LEU A 73 5.31 27.91 -36.43
CA LEU A 73 4.96 29.26 -36.89
C LEU A 73 3.60 29.19 -37.58
N GLU A 74 3.37 28.12 -38.33
CA GLU A 74 2.08 27.86 -38.93
C GLU A 74 0.97 27.73 -37.90
N LEU A 75 1.32 27.22 -36.71
CA LEU A 75 0.30 26.91 -35.71
C LEU A 75 -0.04 28.09 -34.82
N GLY A 76 0.75 29.15 -34.89
CA GLY A 76 0.49 30.33 -34.06
C GLY A 76 1.58 30.60 -33.03
N ALA A 77 2.68 29.88 -33.12
CA ALA A 77 3.79 30.12 -32.21
C ALA A 77 4.10 31.60 -32.14
N ALA A 78 4.34 32.12 -30.94
CA ALA A 78 4.80 33.49 -30.80
C ALA A 78 6.14 33.59 -31.53
N SER A 79 7.03 32.65 -31.23
CA SER A 79 8.30 32.48 -31.95
C SER A 79 8.71 31.02 -31.89
N ALA A 80 9.54 30.58 -32.84
CA ALA A 80 9.96 29.18 -32.91
C ALA A 80 11.32 29.02 -33.56
N HIS A 81 12.33 28.66 -32.76
CA HIS A 81 13.70 28.51 -33.26
C HIS A 81 14.30 27.17 -32.83
N TYR A 82 15.31 26.72 -33.56
CA TYR A 82 15.97 25.46 -33.24
C TYR A 82 17.47 25.65 -33.08
N ILE A 83 18.05 24.93 -32.13
CA ILE A 83 19.49 24.83 -32.02
C ILE A 83 19.85 23.35 -32.00
N ALA A 84 20.63 22.91 -32.98
CA ALA A 84 20.93 21.50 -33.12
C ALA A 84 22.24 21.14 -32.44
N GLY A 85 22.25 20.00 -31.74
CA GLY A 85 23.46 19.43 -31.17
C GLY A 85 23.23 18.05 -30.58
N THR A 86 24.25 17.54 -29.91
CA THR A 86 24.13 16.24 -29.26
C THR A 86 24.26 16.37 -27.74
N MET A 87 23.28 15.85 -27.04
CA MET A 87 23.29 15.94 -25.59
C MET A 87 24.32 15.00 -24.98
N GLU A 88 25.09 14.33 -25.84
CA GLU A 88 26.23 13.56 -25.37
C GLU A 88 27.31 14.56 -24.97
N ASP A 89 27.19 15.78 -25.50
CA ASP A 89 28.16 16.84 -25.25
C ASP A 89 27.61 17.81 -24.21
N MET A 90 28.25 17.84 -23.04
CA MET A 90 27.78 18.68 -21.95
C MET A 90 28.14 20.17 -22.10
N THR A 91 29.11 20.47 -22.97
CA THR A 91 29.43 21.85 -23.30
C THR A 91 28.31 22.40 -24.17
N PHE A 92 27.92 21.65 -25.18
CA PHE A 92 26.76 22.02 -25.99
C PHE A 92 25.53 22.23 -25.11
N ALA A 93 25.16 21.21 -24.35
CA ALA A 93 24.01 21.32 -23.46
C ALA A 93 24.02 22.65 -22.69
N GLU A 94 25.14 22.96 -22.04
CA GLU A 94 25.28 24.22 -21.31
C GLU A 94 25.02 25.43 -22.21
N GLN A 95 25.80 25.54 -23.28
CA GLN A 95 25.67 26.65 -24.21
C GLN A 95 24.30 26.70 -24.89
N PHE A 96 23.68 25.54 -25.12
CA PHE A 96 22.36 25.53 -25.73
C PHE A 96 21.37 26.33 -24.90
N VAL A 97 21.43 26.15 -23.59
CA VAL A 97 20.51 26.79 -22.68
C VAL A 97 20.73 28.30 -22.68
N ALA A 98 22.00 28.70 -22.58
CA ALA A 98 22.33 30.12 -22.60
C ALA A 98 21.90 30.75 -23.93
N GLN A 99 22.20 30.07 -25.04
CA GLN A 99 21.83 30.59 -26.34
C GLN A 99 20.31 30.78 -26.44
N ALA A 100 19.54 29.78 -26.03
CA ALA A 100 18.08 29.82 -26.15
C ALA A 100 17.46 30.94 -25.31
N GLY A 101 17.97 31.10 -24.09
CA GLY A 101 17.44 32.09 -23.17
C GLY A 101 17.74 33.51 -23.63
N LYS A 102 18.96 33.73 -24.11
CA LYS A 102 19.34 35.03 -24.63
C LYS A 102 18.43 35.38 -25.79
N LEU A 103 18.25 34.44 -26.71
CA LEU A 103 17.36 34.65 -27.86
C LEU A 103 15.97 35.08 -27.42
N MET A 104 15.37 34.31 -26.51
CA MET A 104 13.98 34.56 -26.10
C MET A 104 13.82 35.72 -25.12
N GLY A 105 14.88 36.04 -24.39
CA GLY A 105 14.80 37.07 -23.37
C GLY A 105 14.65 36.50 -21.97
N GLY A 106 14.68 35.17 -21.88
CA GLY A 106 14.52 34.49 -20.59
C GLY A 106 13.87 33.14 -20.78
N LEU A 107 13.44 32.53 -19.68
CA LEU A 107 12.91 31.19 -19.72
C LEU A 107 11.86 30.95 -18.65
N ASP A 108 10.74 30.35 -19.05
CA ASP A 108 9.62 30.06 -18.14
C ASP A 108 9.57 28.57 -17.80
N MET A 109 9.82 27.74 -18.80
CA MET A 109 9.66 26.31 -18.64
C MET A 109 10.71 25.50 -19.41
N LEU A 110 11.43 24.66 -18.68
CA LEU A 110 12.41 23.77 -19.29
C LEU A 110 11.82 22.37 -19.39
N ILE A 111 11.51 21.94 -20.61
CA ILE A 111 10.99 20.59 -20.83
C ILE A 111 12.11 19.67 -21.32
N LEU A 112 12.45 18.70 -20.48
CA LEU A 112 13.55 17.78 -20.75
C LEU A 112 13.00 16.42 -21.16
N ASN A 113 13.24 16.05 -22.42
CA ASN A 113 12.50 14.98 -23.06
C ASN A 113 13.36 13.96 -23.83
N HIS A 114 14.52 14.40 -24.33
CA HIS A 114 15.38 13.57 -25.16
C HIS A 114 15.93 12.34 -24.46
N ILE A 115 16.23 11.30 -25.23
CA ILE A 115 16.92 10.13 -24.72
C ILE A 115 17.81 9.57 -25.83
N THR A 116 18.89 8.91 -25.46
CA THR A 116 19.76 8.30 -26.45
C THR A 116 18.95 7.25 -27.20
N ASN A 117 19.36 6.87 -28.41
CA ASN A 117 18.65 5.82 -29.15
C ASN A 117 18.63 4.50 -28.37
N THR A 118 17.43 3.93 -28.22
CA THR A 118 17.23 2.72 -27.41
C THR A 118 16.31 1.71 -28.08
N SER A 119 16.72 0.44 -28.07
CA SER A 119 15.84 -0.67 -28.45
C SER A 119 15.77 -1.73 -27.36
N LEU A 120 14.93 -2.74 -27.56
CA LEU A 120 14.73 -3.79 -26.57
C LEU A 120 15.78 -4.90 -26.65
N ASN A 121 16.68 -4.94 -25.67
CA ASN A 121 17.72 -5.97 -25.61
C ASN A 121 17.99 -6.46 -24.20
N LEU A 122 18.28 -7.75 -24.07
CA LEU A 122 18.86 -8.25 -22.83
C LEU A 122 20.19 -7.52 -22.67
N PHE A 123 20.54 -7.16 -21.44
CA PHE A 123 21.86 -6.58 -21.22
C PHE A 123 22.88 -7.66 -21.56
N HIS A 124 23.95 -7.26 -22.22
CA HIS A 124 24.95 -8.22 -22.65
C HIS A 124 26.35 -7.66 -22.54
N ASP A 125 26.78 -7.38 -21.30
CA ASP A 125 28.10 -6.82 -21.00
C ASP A 125 28.24 -5.50 -21.77
N ASP A 126 27.14 -5.20 -22.43
CA ASP A 126 26.86 -3.97 -23.13
C ASP A 126 27.17 -2.66 -22.38
N ILE A 127 28.37 -2.50 -21.84
CA ILE A 127 28.64 -1.39 -20.90
C ILE A 127 28.63 -0.02 -21.54
N HIS A 128 29.03 0.05 -22.80
CA HIS A 128 29.06 1.34 -23.47
C HIS A 128 27.67 1.96 -23.51
N HIS A 129 26.66 1.11 -23.65
CA HIS A 129 25.29 1.59 -23.73
C HIS A 129 24.80 2.10 -22.36
N VAL A 130 25.30 1.49 -21.29
CA VAL A 130 24.93 1.93 -19.96
C VAL A 130 25.52 3.32 -19.66
N ARG A 131 26.78 3.52 -20.01
CA ARG A 131 27.41 4.81 -19.79
C ARG A 131 26.72 5.90 -20.61
N LYS A 132 26.45 5.61 -21.87
CA LYS A 132 25.80 6.58 -22.75
C LYS A 132 24.38 6.90 -22.31
N SER A 133 23.62 5.88 -21.93
CA SER A 133 22.27 6.11 -21.42
C SER A 133 22.33 7.05 -20.22
N MET A 134 23.32 6.88 -19.36
CA MET A 134 23.42 7.74 -18.17
C MET A 134 23.84 9.16 -18.54
N GLU A 135 24.79 9.28 -19.45
CA GLU A 135 25.26 10.58 -19.92
C GLU A 135 24.10 11.36 -20.56
N VAL A 136 23.42 10.73 -21.52
CA VAL A 136 22.38 11.39 -22.29
C VAL A 136 21.03 11.47 -21.57
N ASN A 137 20.55 10.35 -21.06
CA ASN A 137 19.24 10.30 -20.42
C ASN A 137 19.19 11.01 -19.08
N PHE A 138 20.33 11.06 -18.40
CA PHE A 138 20.35 11.59 -17.04
C PHE A 138 21.30 12.78 -16.85
N LEU A 139 22.59 12.58 -17.09
CA LEU A 139 23.55 13.63 -16.76
C LEU A 139 23.22 14.93 -17.45
N SER A 140 22.91 14.84 -18.74
CA SER A 140 22.63 16.03 -19.53
C SER A 140 21.44 16.82 -18.98
N TYR A 141 20.50 16.13 -18.35
CA TYR A 141 19.38 16.80 -17.68
C TYR A 141 19.88 17.66 -16.51
N VAL A 142 20.85 17.13 -15.76
CA VAL A 142 21.41 17.90 -14.66
C VAL A 142 22.17 19.13 -15.17
N VAL A 143 22.84 18.98 -16.31
CA VAL A 143 23.62 20.09 -16.86
C VAL A 143 22.72 21.19 -17.42
N LEU A 144 21.58 20.81 -18.00
CA LEU A 144 20.66 21.78 -18.56
C LEU A 144 19.92 22.51 -17.47
N THR A 145 19.70 21.81 -16.36
CA THR A 145 18.99 22.38 -15.21
C THR A 145 19.87 23.40 -14.50
N VAL A 146 21.12 23.04 -14.30
CA VAL A 146 22.09 23.96 -13.73
C VAL A 146 22.14 25.21 -14.59
N ALA A 147 22.19 25.01 -15.90
CA ALA A 147 22.30 26.12 -16.84
C ALA A 147 21.05 26.99 -16.96
N ALA A 148 19.88 26.40 -16.72
CA ALA A 148 18.62 27.11 -16.87
C ALA A 148 18.17 27.75 -15.55
N LEU A 149 18.65 27.21 -14.44
CA LEU A 149 18.14 27.60 -13.12
C LEU A 149 18.13 29.11 -12.81
N PRO A 150 19.22 29.84 -13.11
CA PRO A 150 19.16 31.27 -12.81
C PRO A 150 17.99 31.98 -13.48
N MET A 151 17.75 31.71 -14.76
CA MET A 151 16.64 32.32 -15.47
C MET A 151 15.29 31.86 -14.91
N LEU A 152 15.21 30.60 -14.50
CA LEU A 152 13.96 30.05 -13.99
C LEU A 152 13.60 30.73 -12.68
N LYS A 153 14.61 31.01 -11.86
CA LYS A 153 14.41 31.71 -10.60
C LYS A 153 13.81 33.08 -10.86
N GLN A 154 14.30 33.75 -11.90
CA GLN A 154 13.82 35.07 -12.30
C GLN A 154 12.34 35.08 -12.67
N SER A 155 11.88 34.01 -13.31
CA SER A 155 10.49 33.93 -13.76
C SER A 155 9.58 33.06 -12.88
N ASN A 156 10.13 32.50 -11.80
CA ASN A 156 9.41 31.51 -10.99
C ASN A 156 8.94 30.38 -11.90
N GLY A 157 9.85 29.98 -12.80
CA GLY A 157 9.52 29.01 -13.84
C GLY A 157 9.45 27.59 -13.33
N SER A 158 9.45 26.64 -14.27
CA SER A 158 9.26 25.24 -13.92
C SER A 158 10.08 24.28 -14.77
N ILE A 159 10.48 23.17 -14.16
CA ILE A 159 11.23 22.12 -14.84
C ILE A 159 10.37 20.87 -14.95
N VAL A 160 10.23 20.36 -16.17
CA VAL A 160 9.45 19.14 -16.43
C VAL A 160 10.35 18.02 -16.94
N VAL A 161 10.42 16.93 -16.19
CA VAL A 161 11.27 15.81 -16.54
C VAL A 161 10.42 14.65 -17.02
N VAL A 162 10.66 14.22 -18.26
CA VAL A 162 9.89 13.12 -18.82
C VAL A 162 10.54 11.79 -18.44
N SER A 163 9.73 10.91 -17.85
CA SER A 163 10.21 9.59 -17.43
C SER A 163 9.25 8.50 -17.88
N SER A 164 9.33 7.33 -17.27
CA SER A 164 8.59 6.19 -17.76
C SER A 164 8.10 5.28 -16.64
N LEU A 165 7.28 4.31 -16.99
CA LEU A 165 6.85 3.33 -16.02
C LEU A 165 8.14 2.69 -15.57
N ALA A 166 8.93 2.28 -16.54
CA ALA A 166 10.22 1.63 -16.27
C ALA A 166 11.13 2.53 -15.46
N GLY A 167 10.63 3.72 -15.10
CA GLY A 167 11.42 4.63 -14.30
C GLY A 167 10.84 4.61 -12.91
N LYS A 168 9.90 3.70 -12.71
CA LYS A 168 9.26 3.56 -11.39
C LYS A 168 9.15 2.11 -10.97
N VAL A 169 9.08 1.20 -11.94
CA VAL A 169 9.04 -0.23 -11.64
C VAL A 169 10.04 -0.93 -12.54
N ALA A 170 10.26 -2.23 -12.32
CA ALA A 170 11.30 -2.95 -13.06
C ALA A 170 10.76 -3.86 -14.15
N TYR A 171 11.41 -3.83 -15.31
CA TYR A 171 11.13 -4.74 -16.42
C TYR A 171 12.43 -5.24 -17.03
N PRO A 172 12.38 -6.38 -17.71
CA PRO A 172 13.49 -6.86 -18.52
C PRO A 172 13.57 -6.02 -19.79
N MET A 173 14.68 -6.13 -20.54
CA MET A 173 14.89 -5.45 -21.84
C MET A 173 15.19 -3.96 -21.77
N VAL A 174 15.23 -3.38 -20.57
CA VAL A 174 15.44 -1.94 -20.48
C VAL A 174 16.32 -1.60 -19.29
N ALA A 175 17.36 -2.40 -19.07
CA ALA A 175 18.24 -2.20 -17.93
C ALA A 175 18.86 -0.81 -17.89
N ALA A 176 19.75 -0.52 -18.84
CA ALA A 176 20.39 0.80 -18.89
C ALA A 176 19.33 1.89 -18.85
N TYR A 177 18.30 1.74 -19.67
CA TYR A 177 17.22 2.72 -19.76
C TYR A 177 16.61 3.02 -18.38
N SER A 178 16.29 1.98 -17.62
CA SER A 178 15.67 2.12 -16.31
C SER A 178 16.62 2.79 -15.35
N ALA A 179 17.87 2.34 -15.39
CA ALA A 179 18.90 2.92 -14.54
C ALA A 179 18.81 4.43 -14.66
N SER A 180 18.85 4.94 -15.88
CA SER A 180 18.85 6.39 -16.09
C SER A 180 17.56 7.08 -15.64
N LYS A 181 16.41 6.47 -15.93
CA LYS A 181 15.12 7.02 -15.50
C LYS A 181 14.95 6.96 -13.98
N PHE A 182 15.44 5.90 -13.36
CA PHE A 182 15.44 5.80 -11.91
C PHE A 182 16.32 6.89 -11.32
N ALA A 183 17.44 7.14 -11.98
CA ALA A 183 18.36 8.21 -11.59
C ALA A 183 17.65 9.56 -11.61
N LEU A 184 16.79 9.76 -12.60
CA LEU A 184 16.08 11.02 -12.79
C LEU A 184 15.17 11.34 -11.62
N ASP A 185 14.45 10.31 -11.17
CA ASP A 185 13.51 10.42 -10.07
C ASP A 185 14.25 10.71 -8.77
N GLY A 186 15.36 10.02 -8.56
CA GLY A 186 16.14 10.19 -7.34
C GLY A 186 16.72 11.58 -7.26
N PHE A 187 17.40 11.99 -8.33
CA PHE A 187 18.04 13.30 -8.33
C PHE A 187 17.03 14.45 -8.23
N PHE A 188 16.08 14.48 -9.13
CA PHE A 188 15.10 15.57 -9.16
C PHE A 188 14.13 15.65 -7.98
N SER A 189 13.72 14.52 -7.43
CA SER A 189 12.82 14.55 -6.29
C SER A 189 13.58 15.11 -5.10
N SER A 190 14.87 14.76 -5.04
CA SER A 190 15.73 15.23 -3.97
C SER A 190 15.93 16.75 -3.99
N ILE A 191 16.17 17.33 -5.16
CA ILE A 191 16.36 18.77 -5.22
C ILE A 191 15.03 19.51 -5.08
N ARG A 192 13.93 18.84 -5.43
CA ARG A 192 12.61 19.42 -5.25
C ARG A 192 12.40 19.70 -3.77
N LYS A 193 12.92 18.81 -2.92
CA LYS A 193 12.82 18.99 -1.50
C LYS A 193 13.79 20.07 -1.08
N GLU A 194 14.95 20.12 -1.75
CA GLU A 194 15.92 21.17 -1.49
C GLU A 194 15.32 22.54 -1.80
N TYR A 195 14.66 22.66 -2.94
CA TYR A 195 14.02 23.93 -3.29
C TYR A 195 12.97 24.28 -2.24
N SER A 196 12.18 23.29 -1.85
CA SER A 196 11.16 23.47 -0.84
C SER A 196 11.68 24.14 0.42
N VAL A 197 12.87 23.78 0.86
CA VAL A 197 13.41 24.31 2.12
C VAL A 197 14.33 25.52 1.95
N SER A 198 14.82 25.77 0.75
CA SER A 198 15.60 26.97 0.48
C SER A 198 14.70 28.06 -0.08
N ARG A 199 13.40 27.78 -0.10
CA ARG A 199 12.39 28.72 -0.60
C ARG A 199 12.67 29.18 -2.02
N VAL A 200 13.17 28.26 -2.86
CA VAL A 200 13.34 28.49 -4.29
C VAL A 200 12.07 28.07 -5.00
N ASN A 201 11.31 29.01 -5.55
CA ASN A 201 10.06 28.63 -6.16
C ASN A 201 10.17 28.33 -7.65
N VAL A 202 10.74 27.17 -7.94
CA VAL A 202 10.78 26.65 -9.29
C VAL A 202 10.18 25.29 -9.08
N SER A 203 9.13 24.96 -9.84
CA SER A 203 8.47 23.69 -9.65
C SER A 203 9.20 22.61 -10.44
N ILE A 204 9.08 21.36 -9.98
CA ILE A 204 9.66 20.24 -10.70
C ILE A 204 8.60 19.19 -10.94
N THR A 205 8.44 18.80 -12.20
CA THR A 205 7.38 17.88 -12.58
C THR A 205 7.94 16.62 -13.23
N LEU A 206 7.77 15.49 -12.55
CA LEU A 206 8.16 14.20 -13.10
C LEU A 206 6.96 13.53 -13.77
N CYS A 207 7.13 13.15 -15.03
CA CYS A 207 6.06 12.54 -15.79
C CYS A 207 6.35 11.06 -16.01
N VAL A 208 5.38 10.21 -15.66
CA VAL A 208 5.55 8.76 -15.80
C VAL A 208 4.66 8.24 -16.92
N LEU A 209 5.28 7.91 -18.06
CA LEU A 209 4.53 7.50 -19.23
C LEU A 209 4.61 6.00 -19.50
N GLY A 210 3.47 5.39 -19.79
CA GLY A 210 3.46 4.04 -20.32
C GLY A 210 3.65 4.12 -21.82
N LEU A 211 3.23 3.09 -22.53
CA LEU A 211 3.42 3.05 -23.97
C LEU A 211 2.70 4.19 -24.69
N ILE A 212 3.44 4.94 -25.50
CA ILE A 212 2.86 5.97 -26.37
C ILE A 212 3.14 5.62 -27.82
N ASP A 213 2.15 5.78 -28.69
CA ASP A 213 2.30 5.37 -30.09
C ASP A 213 3.34 6.15 -30.90
N THR A 214 4.39 6.64 -30.25
CA THR A 214 5.43 7.32 -31.01
C THR A 214 6.05 6.32 -31.95
N GLU A 215 6.31 6.79 -33.17
CA GLU A 215 6.86 5.95 -34.22
C GLU A 215 8.00 5.08 -33.72
N THR A 216 8.91 5.69 -32.95
CA THR A 216 10.12 5.01 -32.47
C THR A 216 9.82 3.95 -31.42
N ALA A 217 8.83 4.21 -30.58
CA ALA A 217 8.43 3.27 -29.54
C ALA A 217 7.68 2.08 -30.14
N MET A 218 6.82 2.37 -31.11
CA MET A 218 6.06 1.33 -31.79
C MET A 218 6.96 0.34 -32.54
N LYS A 219 8.18 0.74 -32.87
CA LYS A 219 9.12 -0.14 -33.56
C LYS A 219 9.94 -1.00 -32.59
N ALA A 220 10.24 -0.44 -31.41
CA ALA A 220 11.08 -1.15 -30.44
C ALA A 220 10.36 -2.35 -29.82
N VAL A 221 9.03 -2.31 -29.80
CA VAL A 221 8.26 -3.39 -29.21
C VAL A 221 7.50 -4.21 -30.26
N SER A 222 6.28 -3.77 -30.60
CA SER A 222 5.47 -4.49 -31.57
C SER A 222 6.13 -5.81 -31.98
N ILE A 224 7.75 -8.08 -30.53
CA ILE A 224 8.33 -8.52 -29.27
C ILE A 224 7.30 -8.48 -28.14
N VAL A 225 6.14 -7.89 -28.43
CA VAL A 225 5.11 -7.71 -27.40
C VAL A 225 3.98 -6.84 -27.91
N HIS A 226 2.74 -7.30 -27.71
CA HIS A 226 1.59 -6.52 -28.15
C HIS A 226 0.83 -5.93 -26.97
N MET A 227 0.71 -4.60 -26.96
CA MET A 227 -0.09 -3.91 -25.95
C MET A 227 -0.59 -2.56 -26.48
N GLN A 228 -1.68 -2.07 -25.88
CA GLN A 228 -2.30 -0.84 -26.36
C GLN A 228 -1.38 0.34 -26.10
N ALA A 229 -1.43 1.34 -26.97
CA ALA A 229 -0.55 2.49 -26.86
C ALA A 229 -1.37 3.76 -26.87
N ALA A 230 -1.09 4.65 -25.92
CA ALA A 230 -1.79 5.92 -25.81
C ALA A 230 -1.36 6.86 -26.93
N PRO A 231 -2.24 7.79 -27.33
CA PRO A 231 -1.91 8.77 -28.38
C PRO A 231 -0.87 9.79 -27.95
N LYS A 232 0.18 9.93 -28.75
CA LYS A 232 1.24 10.91 -28.51
C LYS A 232 0.73 12.34 -28.35
N GLU A 233 -0.18 12.76 -29.22
CA GLU A 233 -0.75 14.10 -29.18
C GLU A 233 -1.38 14.44 -27.81
N GLU A 234 -2.15 13.50 -27.28
CA GLU A 234 -2.76 13.69 -25.96
C GLU A 234 -1.69 13.65 -24.87
N CYS A 235 -0.80 12.65 -24.95
CA CYS A 235 0.28 12.51 -23.99
C CYS A 235 1.05 13.83 -23.83
N ALA A 236 1.39 14.47 -24.94
CA ALA A 236 2.14 15.72 -24.93
C ALA A 236 1.40 16.79 -24.15
N LEU A 237 0.09 16.90 -24.38
CA LEU A 237 -0.71 17.90 -23.70
C LEU A 237 -0.75 17.65 -22.19
N GLU A 238 -0.96 16.40 -21.80
CA GLU A 238 -0.99 16.07 -20.38
C GLU A 238 0.31 16.48 -19.71
N ILE A 239 1.43 16.25 -20.41
CA ILE A 239 2.73 16.62 -19.87
C ILE A 239 2.87 18.13 -19.71
N ILE A 240 2.28 18.87 -20.65
CA ILE A 240 2.32 20.33 -20.58
C ILE A 240 1.38 20.80 -19.47
N LYS A 241 0.16 20.26 -19.46
CA LYS A 241 -0.77 20.58 -18.40
C LYS A 241 -0.06 20.49 -17.04
N GLY A 242 0.39 19.30 -16.70
CA GLY A 242 1.03 19.06 -15.40
C GLY A 242 2.13 20.05 -15.05
N GLY A 243 2.88 20.46 -16.06
CA GLY A 243 3.94 21.44 -15.85
C GLY A 243 3.36 22.81 -15.54
N ALA A 244 2.40 23.25 -16.35
CA ALA A 244 1.76 24.54 -16.15
C ALA A 244 1.16 24.60 -14.76
N LEU A 245 0.49 23.51 -14.37
CA LEU A 245 -0.12 23.44 -13.05
C LEU A 245 0.88 23.30 -11.90
N ARG A 246 2.14 23.05 -12.23
CA ARG A 246 3.19 22.82 -11.22
C ARG A 246 2.93 21.60 -10.32
N GLN A 247 2.43 20.52 -10.91
CA GLN A 247 2.20 19.26 -10.20
C GLN A 247 3.52 18.53 -10.00
N GLU A 248 3.63 17.79 -8.90
CA GLU A 248 4.86 17.06 -8.64
C GLU A 248 5.07 15.94 -9.65
N GLU A 249 4.04 15.11 -9.86
CA GLU A 249 4.14 14.01 -10.82
C GLU A 249 2.92 13.89 -11.73
N VAL A 250 3.15 13.45 -12.97
CA VAL A 250 2.08 13.20 -13.93
C VAL A 250 2.09 11.73 -14.34
N TYR A 251 0.93 11.08 -14.29
CA TYR A 251 0.84 9.70 -14.71
C TYR A 251 -0.05 9.55 -15.95
N TYR A 252 0.45 8.86 -16.96
CA TYR A 252 -0.28 8.77 -18.22
C TYR A 252 -0.06 7.43 -18.91
N ASP A 253 -1.05 6.56 -18.81
CA ASP A 253 -1.06 5.29 -19.51
C ASP A 253 -2.45 5.18 -20.09
N SER A 254 -2.62 4.31 -21.09
CA SER A 254 -3.93 4.10 -21.67
C SER A 254 -4.86 3.43 -20.67
N SER A 255 -4.34 2.39 -20.02
CA SER A 255 -5.11 1.62 -19.04
C SER A 255 -5.27 2.34 -17.71
N LEU A 256 -6.52 2.51 -17.27
CA LEU A 256 -6.81 3.10 -15.96
C LEU A 256 -6.22 2.33 -14.79
N TRP A 257 -6.08 1.02 -14.97
CA TRP A 257 -5.54 0.17 -13.92
C TRP A 257 -4.08 0.52 -13.60
N THR A 258 -3.31 0.84 -14.64
CA THR A 258 -1.91 1.23 -14.46
C THR A 258 -1.79 2.61 -13.83
N THR A 259 -2.39 3.60 -14.48
CA THR A 259 -2.30 4.97 -13.99
C THR A 259 -2.75 5.11 -12.54
N LEU A 260 -3.39 4.06 -12.02
CA LEU A 260 -3.87 4.07 -10.64
C LEU A 260 -3.04 3.16 -9.75
N LEU A 261 -2.46 2.13 -10.34
CA LEU A 261 -1.70 1.15 -9.58
C LEU A 261 -0.21 1.49 -9.50
N ILE A 262 0.30 2.22 -10.49
CA ILE A 262 1.71 2.61 -10.54
C ILE A 262 2.05 3.59 -9.42
N ARG A 263 1.03 4.23 -8.87
CA ARG A 263 1.24 5.23 -7.83
C ARG A 263 1.72 4.54 -6.56
N ASN A 264 2.55 5.25 -5.79
CA ASN A 264 3.10 4.71 -4.55
C ASN A 264 2.89 5.66 -3.38
N PRO A 265 1.67 5.68 -2.83
CA PRO A 265 1.24 6.61 -1.80
C PRO A 265 2.10 6.55 -0.54
N SER A 266 2.53 5.35 -0.17
CA SER A 266 3.32 5.22 1.05
C SER A 266 4.57 6.10 0.99
N ARG A 267 5.14 6.25 -0.20
CA ARG A 267 6.39 6.99 -0.35
C ARG A 267 6.24 8.46 -0.02
N LYS A 268 5.11 9.04 -0.40
CA LYS A 268 4.87 10.45 -0.13
C LYS A 268 4.52 10.61 1.33
N ILE A 269 3.94 9.57 1.91
CA ILE A 269 3.62 9.58 3.32
C ILE A 269 4.90 9.54 4.13
N LEU A 270 5.81 8.63 3.76
CA LEU A 270 7.07 8.51 4.46
C LEU A 270 7.91 9.79 4.37
N GLU A 271 8.02 10.34 3.17
CA GLU A 271 8.81 11.54 2.96
C GLU A 271 8.26 12.71 3.78
N PHE A 272 6.95 12.74 3.95
CA PHE A 272 6.32 13.74 4.80
C PHE A 272 6.70 13.54 6.25
N LEU A 273 6.60 12.29 6.71
CA LEU A 273 6.87 11.98 8.11
C LEU A 273 8.34 12.09 8.51
N TYR A 274 9.25 11.95 7.53
CA TYR A 274 10.67 12.04 7.81
C TYR A 274 11.23 13.45 7.61
N SER A 275 10.36 14.40 7.30
CA SER A 275 10.80 15.78 7.06
C SER A 275 10.62 16.66 8.29
N THR A 276 9.43 16.61 8.88
CA THR A 276 9.07 17.45 10.03
C THR A 276 10.18 17.58 11.07
N GLN B 14 13.14 -15.39 -9.11
CA GLN B 14 14.25 -15.71 -8.17
C GLN B 14 13.73 -16.34 -6.89
N GLN B 15 14.04 -17.61 -6.69
CA GLN B 15 13.56 -18.34 -5.52
C GLN B 15 14.51 -18.19 -4.33
N PRO B 16 14.06 -17.46 -3.29
CA PRO B 16 14.84 -17.40 -2.07
C PRO B 16 14.91 -18.78 -1.43
N LEU B 17 15.91 -19.01 -0.59
CA LEU B 17 16.06 -20.31 0.05
C LEU B 17 15.08 -20.45 1.20
N ASN B 18 14.47 -21.62 1.34
CA ASN B 18 13.45 -21.85 2.35
C ASN B 18 14.03 -22.46 3.62
N GLU B 19 14.81 -21.68 4.36
CA GLU B 19 15.38 -22.13 5.62
C GLU B 19 16.11 -21.01 6.35
N GLU B 20 16.13 -21.11 7.67
CA GLU B 20 16.87 -20.17 8.49
C GLU B 20 18.33 -20.12 8.08
N PHE B 21 18.94 -18.96 8.29
CA PHE B 21 20.36 -18.79 7.99
C PHE B 21 21.22 -19.51 9.01
N ARG B 22 22.33 -20.09 8.54
CA ARG B 22 23.31 -20.66 9.44
C ARG B 22 24.71 -20.28 8.99
N PRO B 23 25.58 -19.93 9.95
CA PRO B 23 26.92 -19.42 9.65
C PRO B 23 27.69 -20.27 8.65
N GLU B 24 27.45 -21.58 8.66
CA GLU B 24 28.20 -22.50 7.82
C GLU B 24 27.84 -22.40 6.33
N MET B 25 26.81 -21.64 6.02
CA MET B 25 26.42 -21.44 4.62
C MET B 25 27.55 -20.71 3.87
N LEU B 26 28.40 -20.02 4.62
CA LEU B 26 29.49 -19.25 4.03
C LEU B 26 30.86 -19.88 4.21
N GLN B 27 30.90 -21.01 4.92
CA GLN B 27 32.15 -21.73 5.13
C GLN B 27 32.71 -22.22 3.81
N GLY B 28 33.93 -21.81 3.49
CA GLY B 28 34.57 -22.20 2.24
C GLY B 28 34.02 -21.51 1.00
N LYS B 29 33.13 -20.54 1.21
CA LYS B 29 32.64 -19.76 0.08
C LYS B 29 33.66 -18.68 -0.25
N LYS B 30 33.65 -18.25 -1.51
CA LYS B 30 34.62 -17.27 -1.98
C LYS B 30 33.93 -15.94 -2.22
N VAL B 31 34.31 -14.94 -1.43
CA VAL B 31 33.59 -13.68 -1.41
C VAL B 31 34.46 -12.45 -1.63
N ILE B 32 34.03 -11.61 -2.56
CA ILE B 32 34.63 -10.31 -2.76
C ILE B 32 33.81 -9.32 -1.95
N VAL B 33 34.48 -8.42 -1.24
CA VAL B 33 33.79 -7.32 -0.57
C VAL B 33 34.50 -6.03 -0.97
N THR B 34 33.75 -5.09 -1.51
CA THR B 34 34.34 -3.81 -1.91
C THR B 34 34.03 -2.74 -0.87
N GLY B 35 34.91 -1.75 -0.77
CA GLY B 35 34.73 -0.71 0.22
C GLY B 35 34.87 -1.38 1.56
N ALA B 36 35.87 -2.25 1.64
CA ALA B 36 36.05 -3.08 2.81
C ALA B 36 37.17 -2.61 3.75
N SER B 37 37.59 -1.35 3.62
CA SER B 37 38.65 -0.83 4.47
C SER B 37 38.11 -0.32 5.81
N LYS B 38 36.88 0.18 5.80
CA LYS B 38 36.23 0.64 7.02
C LYS B 38 34.73 0.38 7.01
N GLY B 39 34.01 1.04 7.91
CA GLY B 39 32.55 0.94 7.95
C GLY B 39 31.97 -0.45 7.75
N ILE B 40 30.79 -0.50 7.15
CA ILE B 40 30.04 -1.74 6.97
C ILE B 40 30.87 -2.82 6.25
N GLY B 41 31.55 -2.43 5.18
CA GLY B 41 32.38 -3.36 4.42
C GLY B 41 33.35 -4.13 5.29
N ARG B 42 34.09 -3.43 6.15
CA ARG B 42 35.02 -4.06 7.06
C ARG B 42 34.31 -5.06 7.96
N GLU B 43 33.18 -4.66 8.54
CA GLU B 43 32.41 -5.56 9.38
C GLU B 43 31.99 -6.79 8.61
N MET B 44 31.58 -6.61 7.37
CA MET B 44 31.19 -7.76 6.58
C MET B 44 32.37 -8.71 6.40
N ALA B 45 33.54 -8.17 6.07
CA ALA B 45 34.74 -9.00 5.93
C ALA B 45 34.99 -9.78 7.22
N TYR B 46 34.96 -9.08 8.35
CA TYR B 46 35.10 -9.73 9.66
C TYR B 46 34.13 -10.89 9.83
N HIS B 47 32.84 -10.64 9.62
CA HIS B 47 31.84 -11.71 9.76
C HIS B 47 32.15 -12.92 8.88
N LEU B 48 32.68 -12.68 7.70
CA LEU B 48 32.98 -13.76 6.77
C LEU B 48 34.20 -14.54 7.25
N ALA B 49 35.14 -13.82 7.85
CA ALA B 49 36.28 -14.47 8.46
C ALA B 49 35.73 -15.51 9.44
N LYS B 50 34.97 -15.04 10.43
CA LYS B 50 34.39 -15.90 11.45
C LYS B 50 33.72 -17.16 10.88
N MET B 51 33.18 -17.06 9.68
CA MET B 51 32.44 -18.18 9.09
C MET B 51 33.31 -19.06 8.22
N GLY B 52 34.62 -18.82 8.24
CA GLY B 52 35.58 -19.61 7.46
C GLY B 52 35.51 -19.40 5.96
N ALA B 53 35.13 -18.19 5.53
CA ALA B 53 35.06 -17.90 4.11
C ALA B 53 36.41 -17.50 3.55
N HIS B 54 36.57 -17.67 2.25
CA HIS B 54 37.72 -17.11 1.57
C HIS B 54 37.31 -15.69 1.28
N VAL B 55 38.18 -14.72 1.55
CA VAL B 55 37.81 -13.31 1.33
C VAL B 55 38.82 -12.49 0.54
N VAL B 56 38.31 -11.57 -0.26
CA VAL B 56 39.14 -10.59 -0.95
C VAL B 56 38.52 -9.22 -0.75
N VAL B 57 39.26 -8.33 -0.12
CA VAL B 57 38.76 -7.00 0.17
C VAL B 57 39.42 -5.92 -0.69
N THR B 58 38.66 -4.90 -1.08
CA THR B 58 39.24 -3.83 -1.87
C THR B 58 38.86 -2.43 -1.40
N ALA B 59 39.62 -1.45 -1.86
CA ALA B 59 39.48 -0.07 -1.42
C ALA B 59 40.75 0.62 -1.86
N ARG B 60 40.84 1.91 -1.63
CA ARG B 60 42.02 2.66 -2.05
C ARG B 60 43.19 2.60 -1.05
N SER B 61 42.88 2.62 0.24
CA SER B 61 43.93 2.63 1.25
C SER B 61 44.55 1.26 1.48
N LYS B 62 45.71 1.06 0.85
CA LYS B 62 46.51 -0.14 1.06
C LYS B 62 46.69 -0.42 2.54
N GLU B 63 47.05 0.62 3.29
CA GLU B 63 47.39 0.51 4.71
C GLU B 63 46.24 0.02 5.59
N THR B 64 45.05 0.60 5.39
CA THR B 64 43.89 0.18 6.18
C THR B 64 43.44 -1.19 5.69
N LEU B 65 43.55 -1.41 4.38
CA LEU B 65 43.18 -2.71 3.81
C LEU B 65 43.98 -3.84 4.46
N GLN B 66 45.27 -3.59 4.72
CA GLN B 66 46.13 -4.59 5.36
C GLN B 66 45.64 -4.96 6.76
N LYS B 67 45.35 -3.95 7.57
CA LYS B 67 44.91 -4.21 8.92
C LYS B 67 43.66 -5.07 8.90
N VAL B 68 42.75 -4.78 7.96
CA VAL B 68 41.56 -5.59 7.83
C VAL B 68 41.97 -7.04 7.64
N VAL B 69 42.72 -7.29 6.57
CA VAL B 69 43.19 -8.63 6.27
C VAL B 69 43.83 -9.31 7.49
N SER B 70 44.65 -8.57 8.24
CA SER B 70 45.28 -9.11 9.43
C SER B 70 44.25 -9.75 10.34
N HIS B 71 43.21 -8.99 10.65
CA HIS B 71 42.16 -9.44 11.56
C HIS B 71 41.33 -10.60 10.99
N CYS B 72 41.04 -10.56 9.68
CA CYS B 72 40.29 -11.63 9.02
C CYS B 72 40.98 -12.97 9.15
N LEU B 73 42.29 -12.94 9.34
CA LEU B 73 43.06 -14.17 9.41
C LEU B 73 43.03 -14.69 10.83
N GLU B 74 43.20 -13.80 11.79
CA GLU B 74 43.16 -14.21 13.17
C GLU B 74 41.75 -14.66 13.55
N LEU B 75 40.76 -14.25 12.76
CA LEU B 75 39.38 -14.64 13.04
C LEU B 75 38.98 -15.99 12.44
N GLY B 76 39.82 -16.55 11.59
CA GLY B 76 39.57 -17.89 11.04
C GLY B 76 39.20 -17.93 9.58
N ALA B 77 39.59 -16.91 8.83
CA ALA B 77 39.32 -16.86 7.40
C ALA B 77 40.11 -17.94 6.68
N ALA B 78 39.42 -18.73 5.87
CA ALA B 78 40.09 -19.75 5.09
C ALA B 78 41.25 -19.13 4.33
N SER B 79 41.07 -17.88 3.91
CA SER B 79 42.13 -17.10 3.26
C SER B 79 41.65 -15.68 2.98
N ALA B 80 42.53 -14.71 3.24
CA ALA B 80 42.19 -13.30 3.09
C ALA B 80 43.24 -12.51 2.33
N HIS B 81 42.80 -11.79 1.30
CA HIS B 81 43.67 -10.93 0.52
C HIS B 81 43.04 -9.55 0.36
N TYR B 82 43.87 -8.55 0.10
CA TYR B 82 43.38 -7.23 -0.26
C TYR B 82 44.01 -6.84 -1.58
N ILE B 83 43.31 -6.02 -2.36
CA ILE B 83 43.86 -5.45 -3.58
C ILE B 83 43.44 -3.98 -3.58
N ALA B 84 44.41 -3.08 -3.56
CA ALA B 84 44.10 -1.64 -3.48
C ALA B 84 43.93 -1.00 -4.85
N GLY B 85 43.01 -0.05 -4.93
CA GLY B 85 42.78 0.68 -6.16
C GLY B 85 41.51 1.49 -6.07
N THR B 86 41.28 2.34 -7.07
CA THR B 86 40.12 3.23 -7.05
C THR B 86 39.08 2.85 -8.08
N MET B 87 37.85 2.68 -7.62
CA MET B 87 36.76 2.30 -8.50
C MET B 87 36.41 3.43 -9.46
N GLU B 88 37.12 4.54 -9.36
CA GLU B 88 36.98 5.61 -10.34
C GLU B 88 37.43 5.06 -11.68
N ASP B 89 38.30 4.07 -11.61
CA ASP B 89 38.96 3.50 -12.78
C ASP B 89 38.39 2.13 -13.16
N MET B 90 37.60 2.10 -14.23
CA MET B 90 36.90 0.87 -14.62
C MET B 90 37.84 -0.24 -15.06
N THR B 91 39.04 0.12 -15.52
CA THR B 91 40.00 -0.86 -15.97
C THR B 91 40.45 -1.58 -14.71
N PHE B 92 40.65 -0.81 -13.65
CA PHE B 92 41.00 -1.42 -12.38
C PHE B 92 39.91 -2.34 -11.90
N ALA B 93 38.68 -1.82 -11.86
CA ALA B 93 37.54 -2.60 -11.43
C ALA B 93 37.50 -3.94 -12.14
N GLU B 94 37.58 -3.91 -13.47
CA GLU B 94 37.50 -5.13 -14.27
C GLU B 94 38.65 -6.08 -13.92
N GLN B 95 39.86 -5.54 -13.80
CA GLN B 95 41.02 -6.36 -13.47
C GLN B 95 40.96 -6.89 -12.05
N PHE B 96 40.40 -6.11 -11.13
CA PHE B 96 40.29 -6.55 -9.74
C PHE B 96 39.56 -7.89 -9.62
N VAL B 97 38.38 -7.98 -10.23
CA VAL B 97 37.59 -9.20 -10.15
C VAL B 97 38.37 -10.38 -10.72
N ALA B 98 39.12 -10.13 -11.79
CA ALA B 98 39.92 -11.16 -12.41
C ALA B 98 41.00 -11.64 -11.45
N GLN B 99 41.64 -10.70 -10.76
CA GLN B 99 42.72 -11.02 -9.85
C GLN B 99 42.18 -11.72 -8.62
N ALA B 100 40.99 -11.32 -8.20
CA ALA B 100 40.37 -11.93 -7.03
C ALA B 100 39.90 -13.33 -7.38
N GLY B 101 39.40 -13.49 -8.60
CA GLY B 101 38.95 -14.79 -9.05
C GLY B 101 40.11 -15.75 -8.91
N LYS B 102 41.28 -15.30 -9.34
CA LYS B 102 42.47 -16.16 -9.33
C LYS B 102 43.02 -16.38 -7.93
N LEU B 103 43.00 -15.33 -7.11
CA LEU B 103 43.44 -15.45 -5.74
C LEU B 103 42.65 -16.51 -4.98
N MET B 104 41.39 -16.72 -5.36
CA MET B 104 40.53 -17.69 -4.67
C MET B 104 40.17 -18.97 -5.44
N GLY B 105 40.32 -18.98 -6.76
CA GLY B 105 39.94 -20.14 -7.56
C GLY B 105 38.47 -20.15 -7.95
N GLY B 106 37.85 -18.98 -7.93
CA GLY B 106 36.44 -18.87 -8.27
C GLY B 106 35.76 -17.79 -7.44
N LEU B 107 34.44 -17.73 -7.54
CA LEU B 107 33.67 -16.71 -6.81
C LEU B 107 32.27 -17.22 -6.48
N ASP B 108 31.83 -17.04 -5.25
CA ASP B 108 30.50 -17.46 -4.84
C ASP B 108 29.60 -16.25 -4.60
N MET B 109 30.19 -15.18 -4.07
CA MET B 109 29.42 -14.00 -3.76
C MET B 109 30.20 -12.73 -4.07
N LEU B 110 29.52 -11.78 -4.72
CA LEU B 110 30.11 -10.48 -5.03
C LEU B 110 29.37 -9.41 -4.25
N ILE B 111 30.00 -8.92 -3.20
CA ILE B 111 29.39 -7.88 -2.38
C ILE B 111 29.87 -6.50 -2.80
N LEU B 112 28.95 -5.72 -3.38
CA LEU B 112 29.25 -4.38 -3.86
C LEU B 112 28.79 -3.35 -2.83
N ASN B 113 29.75 -2.67 -2.22
CA ASN B 113 29.46 -1.85 -1.05
C ASN B 113 30.06 -0.43 -1.08
N HIS B 114 31.15 -0.25 -1.81
CA HIS B 114 31.84 1.05 -1.85
C HIS B 114 31.01 2.17 -2.46
N ILE B 115 31.24 3.37 -1.95
CA ILE B 115 30.66 4.60 -2.51
C ILE B 115 31.72 5.67 -2.45
N THR B 116 31.61 6.65 -3.34
CA THR B 116 32.54 7.77 -3.36
C THR B 116 32.35 8.62 -2.11
N ASN B 117 33.40 9.33 -1.71
CA ASN B 117 33.31 10.24 -0.58
C ASN B 117 32.21 11.25 -0.82
N THR B 118 31.27 11.32 0.11
CA THR B 118 30.15 12.24 -0.03
C THR B 118 29.71 12.76 1.34
N SER B 119 29.22 13.99 1.36
CA SER B 119 28.71 14.59 2.60
C SER B 119 27.44 15.40 2.32
N LEU B 120 26.85 15.96 3.37
CA LEU B 120 25.56 16.64 3.25
C LEU B 120 25.68 18.08 2.77
N ASN B 121 25.30 18.30 1.52
CA ASN B 121 25.27 19.65 0.95
C ASN B 121 24.03 19.86 0.09
N LEU B 122 23.63 21.12 -0.07
CA LEU B 122 22.60 21.45 -1.03
C LEU B 122 23.28 21.27 -2.36
N PHE B 123 22.53 20.93 -3.40
CA PHE B 123 23.13 20.82 -4.73
C PHE B 123 23.40 22.21 -5.31
N HIS B 124 24.63 22.68 -5.14
CA HIS B 124 25.03 23.97 -5.70
C HIS B 124 25.75 23.69 -7.01
N ASP B 125 25.00 23.19 -7.98
CA ASP B 125 25.53 22.82 -9.30
C ASP B 125 26.93 22.16 -9.30
N ASP B 126 27.09 21.14 -8.46
CA ASP B 126 28.32 20.37 -8.41
C ASP B 126 28.21 19.22 -9.40
N ILE B 127 28.25 19.55 -10.68
CA ILE B 127 28.08 18.57 -11.75
C ILE B 127 29.16 17.51 -11.69
N HIS B 128 30.33 17.89 -11.19
CA HIS B 128 31.46 16.98 -11.10
C HIS B 128 31.19 15.87 -10.08
N HIS B 129 30.59 16.25 -8.95
CA HIS B 129 30.27 15.29 -7.91
C HIS B 129 29.11 14.40 -8.31
N VAL B 130 28.29 14.89 -9.25
CA VAL B 130 27.19 14.08 -9.75
C VAL B 130 27.75 12.97 -10.63
N ARG B 131 28.70 13.33 -11.49
CA ARG B 131 29.31 12.37 -12.40
C ARG B 131 30.16 11.35 -11.64
N LYS B 132 30.95 11.82 -10.69
CA LYS B 132 31.79 10.91 -9.90
C LYS B 132 30.93 9.94 -9.11
N SER B 133 29.83 10.44 -8.57
CA SER B 133 28.88 9.59 -7.87
C SER B 133 28.33 8.48 -8.78
N MET B 134 27.98 8.84 -10.02
CA MET B 134 27.48 7.83 -10.94
C MET B 134 28.56 6.84 -11.40
N GLU B 135 29.79 7.32 -11.52
CA GLU B 135 30.88 6.43 -11.90
C GLU B 135 31.16 5.46 -10.77
N VAL B 136 31.52 6.00 -9.61
CA VAL B 136 31.87 5.19 -8.45
C VAL B 136 30.68 4.37 -7.92
N ASN B 137 29.58 5.04 -7.60
CA ASN B 137 28.45 4.36 -6.94
C ASN B 137 27.58 3.46 -7.81
N PHE B 138 27.59 3.65 -9.12
CA PHE B 138 26.71 2.87 -9.98
C PHE B 138 27.45 2.17 -11.11
N LEU B 139 28.07 2.95 -11.98
CA LEU B 139 28.76 2.41 -13.14
C LEU B 139 29.81 1.33 -12.82
N SER B 140 30.62 1.54 -11.78
CA SER B 140 31.63 0.53 -11.44
C SER B 140 31.01 -0.78 -10.98
N TYR B 141 29.82 -0.69 -10.39
CA TYR B 141 29.11 -1.89 -9.95
C TYR B 141 28.74 -2.72 -11.16
N VAL B 142 28.30 -2.05 -12.21
CA VAL B 142 27.92 -2.75 -13.42
C VAL B 142 29.17 -3.37 -14.01
N VAL B 143 30.27 -2.65 -13.98
CA VAL B 143 31.52 -3.17 -14.51
C VAL B 143 31.96 -4.35 -13.68
N LEU B 144 31.94 -4.21 -12.35
CA LEU B 144 32.34 -5.29 -11.46
C LEU B 144 31.47 -6.52 -11.71
N THR B 145 30.19 -6.29 -11.99
CA THR B 145 29.23 -7.37 -12.21
C THR B 145 29.51 -8.13 -13.49
N VAL B 146 29.71 -7.36 -14.58
CA VAL B 146 30.03 -7.93 -15.87
C VAL B 146 31.25 -8.84 -15.73
N ALA B 147 32.22 -8.41 -14.94
CA ALA B 147 33.45 -9.16 -14.75
C ALA B 147 33.21 -10.46 -13.98
N ALA B 148 32.32 -10.42 -12.99
CA ALA B 148 32.10 -11.55 -12.10
C ALA B 148 31.09 -12.59 -12.59
N LEU B 149 30.19 -12.20 -13.48
CA LEU B 149 29.12 -13.08 -13.89
C LEU B 149 29.60 -14.49 -14.28
N PRO B 150 30.53 -14.59 -15.26
CA PRO B 150 30.99 -15.91 -15.68
C PRO B 150 31.29 -16.83 -14.50
N MET B 151 32.02 -16.32 -13.50
CA MET B 151 32.37 -17.11 -12.33
C MET B 151 31.13 -17.42 -11.50
N LEU B 152 30.28 -16.41 -11.31
CA LEU B 152 29.04 -16.59 -10.56
C LEU B 152 28.12 -17.62 -11.22
N LYS B 153 28.02 -17.58 -12.55
CA LYS B 153 27.25 -18.61 -13.24
C LYS B 153 27.84 -19.98 -12.90
N GLN B 154 29.16 -20.03 -12.77
CA GLN B 154 29.87 -21.28 -12.50
C GLN B 154 29.42 -21.92 -11.21
N SER B 155 29.29 -21.10 -10.18
CA SER B 155 28.99 -21.56 -8.84
C SER B 155 27.54 -21.32 -8.43
N ASN B 156 26.69 -20.96 -9.38
CA ASN B 156 25.30 -20.59 -9.08
C ASN B 156 25.27 -19.61 -7.91
N GLY B 157 26.08 -18.57 -8.01
CA GLY B 157 26.32 -17.67 -6.89
C GLY B 157 25.38 -16.49 -6.69
N SER B 158 25.94 -15.39 -6.20
CA SER B 158 25.11 -14.30 -5.75
C SER B 158 25.75 -12.92 -5.80
N ILE B 159 24.93 -11.92 -6.09
CA ILE B 159 25.37 -10.54 -6.08
C ILE B 159 24.58 -9.80 -5.03
N VAL B 160 25.28 -9.00 -4.23
CA VAL B 160 24.65 -8.19 -3.19
C VAL B 160 24.97 -6.73 -3.48
N VAL B 161 23.93 -5.94 -3.73
CA VAL B 161 24.10 -4.51 -3.92
C VAL B 161 23.65 -3.74 -2.68
N VAL B 162 24.59 -3.07 -2.03
CA VAL B 162 24.25 -2.29 -0.85
C VAL B 162 23.69 -0.92 -1.24
N SER B 163 22.49 -0.63 -0.77
CA SER B 163 21.87 0.66 -1.05
C SER B 163 21.24 1.27 0.20
N SER B 164 20.48 2.34 0.03
CA SER B 164 20.04 3.16 1.14
C SER B 164 18.57 3.58 1.05
N LEU B 165 18.06 4.15 2.14
CA LEU B 165 16.74 4.72 2.13
C LEU B 165 16.71 5.83 1.08
N ALA B 166 17.84 6.51 0.91
CA ALA B 166 17.94 7.56 -0.10
C ALA B 166 17.85 6.96 -1.51
N GLY B 167 17.82 5.63 -1.57
CA GLY B 167 17.71 4.91 -2.83
C GLY B 167 16.32 4.34 -3.03
N LYS B 168 15.37 4.77 -2.20
CA LYS B 168 13.99 4.31 -2.33
C LYS B 168 13.01 5.49 -2.25
N VAL B 169 13.32 6.44 -1.39
CA VAL B 169 12.50 7.65 -1.26
C VAL B 169 13.39 8.88 -1.33
N ALA B 170 12.78 10.06 -1.44
CA ALA B 170 13.55 11.28 -1.67
C ALA B 170 13.92 12.04 -0.40
N TYR B 171 15.19 12.42 -0.31
CA TYR B 171 15.66 13.25 0.79
C TYR B 171 16.39 14.44 0.20
N PRO B 172 16.39 15.59 0.90
CA PRO B 172 17.25 16.68 0.47
C PRO B 172 18.68 16.47 0.95
N MET B 173 19.63 17.16 0.35
CA MET B 173 21.05 17.13 0.79
C MET B 173 21.86 15.94 0.27
N VAL B 174 21.23 15.04 -0.47
CA VAL B 174 21.89 13.84 -0.98
C VAL B 174 21.45 13.58 -2.40
N ALA B 175 21.43 14.60 -3.23
CA ALA B 175 20.89 14.49 -4.58
C ALA B 175 21.68 13.57 -5.51
N ALA B 176 22.99 13.76 -5.59
CA ALA B 176 23.83 12.93 -6.44
C ALA B 176 23.90 11.51 -5.90
N TYR B 177 24.22 11.41 -4.61
CA TYR B 177 24.23 10.14 -3.92
C TYR B 177 22.95 9.38 -4.25
N SER B 178 21.82 10.02 -4.00
CA SER B 178 20.52 9.37 -4.15
C SER B 178 20.25 8.99 -5.59
N ALA B 179 20.64 9.86 -6.51
CA ALA B 179 20.53 9.55 -7.94
C ALA B 179 21.25 8.24 -8.24
N SER B 180 22.43 8.07 -7.64
CA SER B 180 23.21 6.88 -7.91
C SER B 180 22.57 5.62 -7.35
N LYS B 181 21.99 5.71 -6.15
CA LYS B 181 21.38 4.54 -5.50
C LYS B 181 20.12 4.09 -6.21
N PHE B 182 19.33 5.07 -6.66
CA PHE B 182 18.18 4.79 -7.49
C PHE B 182 18.67 4.05 -8.74
N ALA B 183 19.73 4.55 -9.35
CA ALA B 183 20.24 3.92 -10.56
C ALA B 183 20.45 2.43 -10.34
N LEU B 184 21.01 2.07 -9.18
CA LEU B 184 21.31 0.67 -8.85
C LEU B 184 20.05 -0.17 -8.84
N ASP B 185 18.99 0.39 -8.27
CA ASP B 185 17.71 -0.28 -8.20
C ASP B 185 17.17 -0.54 -9.60
N GLY B 186 17.02 0.51 -10.39
CA GLY B 186 16.50 0.36 -11.73
C GLY B 186 17.27 -0.70 -12.49
N PHE B 187 18.60 -0.60 -12.45
CA PHE B 187 19.44 -1.49 -13.23
C PHE B 187 19.40 -2.92 -12.71
N PHE B 188 19.69 -3.09 -11.43
CA PHE B 188 19.82 -4.43 -10.91
C PHE B 188 18.50 -5.17 -10.79
N SER B 189 17.42 -4.40 -10.63
CA SER B 189 16.10 -5.03 -10.54
C SER B 189 15.68 -5.48 -11.93
N SER B 190 16.15 -4.76 -12.95
CA SER B 190 15.85 -5.13 -14.31
C SER B 190 16.57 -6.41 -14.69
N ILE B 191 17.86 -6.46 -14.39
CA ILE B 191 18.63 -7.66 -14.74
C ILE B 191 18.13 -8.87 -13.97
N ARG B 192 17.60 -8.65 -12.77
CA ARG B 192 17.01 -9.75 -12.00
C ARG B 192 15.91 -10.41 -12.82
N LYS B 193 15.12 -9.60 -13.51
CA LYS B 193 14.05 -10.15 -14.33
C LYS B 193 14.67 -10.86 -15.52
N GLU B 194 15.69 -10.23 -16.10
CA GLU B 194 16.36 -10.83 -17.25
C GLU B 194 16.93 -12.20 -16.92
N TYR B 195 17.47 -12.36 -15.71
CA TYR B 195 18.06 -13.63 -15.30
C TYR B 195 16.97 -14.67 -15.13
N SER B 196 15.82 -14.25 -14.62
CA SER B 196 14.68 -15.13 -14.42
C SER B 196 14.22 -15.77 -15.73
N VAL B 197 14.17 -14.96 -16.78
CA VAL B 197 13.61 -15.41 -18.06
C VAL B 197 14.66 -16.10 -18.94
N SER B 198 15.92 -15.76 -18.72
CA SER B 198 17.00 -16.47 -19.39
C SER B 198 17.41 -17.60 -18.47
N ARG B 199 16.69 -17.71 -17.36
CA ARG B 199 17.05 -18.64 -16.28
C ARG B 199 18.55 -18.75 -16.00
N VAL B 200 19.12 -17.65 -15.51
CA VAL B 200 20.49 -17.68 -15.01
C VAL B 200 20.33 -17.79 -13.51
N ASN B 201 20.98 -18.77 -12.89
CA ASN B 201 20.80 -18.98 -11.46
C ASN B 201 21.79 -18.18 -10.62
N VAL B 202 21.85 -16.88 -10.87
CA VAL B 202 22.64 -15.98 -10.05
C VAL B 202 21.61 -15.10 -9.38
N SER B 203 21.70 -14.98 -8.05
CA SER B 203 20.73 -14.18 -7.30
C SER B 203 21.25 -12.77 -7.08
N ILE B 204 20.34 -11.80 -7.08
CA ILE B 204 20.68 -10.42 -6.79
C ILE B 204 19.93 -9.97 -5.55
N THR B 205 20.66 -9.42 -4.59
CA THR B 205 20.05 -8.95 -3.35
C THR B 205 20.34 -7.48 -3.20
N LEU B 206 19.29 -6.66 -3.19
CA LEU B 206 19.46 -5.23 -2.98
C LEU B 206 19.16 -4.86 -1.52
N CYS B 207 20.14 -4.26 -0.86
CA CYS B 207 20.01 -3.91 0.55
C CYS B 207 19.68 -2.44 0.74
N VAL B 208 18.59 -2.16 1.44
CA VAL B 208 18.15 -0.80 1.69
C VAL B 208 18.40 -0.45 3.16
N LEU B 209 19.33 0.47 3.41
CA LEU B 209 19.78 0.75 4.77
C LEU B 209 19.39 2.12 5.28
N GLY B 210 19.02 2.17 6.56
CA GLY B 210 18.82 3.43 7.22
C GLY B 210 20.16 3.83 7.81
N LEU B 211 20.15 4.88 8.63
CA LEU B 211 21.37 5.38 9.25
C LEU B 211 22.15 4.30 10.00
N ILE B 212 23.43 4.17 9.65
CA ILE B 212 24.31 3.23 10.32
C ILE B 212 25.47 3.98 10.97
N ASP B 213 25.89 3.51 12.15
CA ASP B 213 26.86 4.23 12.96
C ASP B 213 28.30 4.10 12.48
N THR B 214 28.51 4.10 11.17
CA THR B 214 29.87 4.08 10.63
C THR B 214 30.51 5.44 10.84
N GLU B 215 31.83 5.49 10.94
CA GLU B 215 32.53 6.74 11.20
C GLU B 215 32.10 7.82 10.24
N THR B 216 32.12 7.48 8.96
CA THR B 216 31.82 8.46 7.92
C THR B 216 30.43 9.07 8.11
N ALA B 217 29.41 8.23 8.18
CA ALA B 217 28.04 8.69 8.35
C ALA B 217 27.87 9.61 9.57
N MET B 218 28.42 9.18 10.71
CA MET B 218 28.25 9.96 11.94
C MET B 218 28.83 11.36 11.83
N LYS B 219 29.98 11.48 11.17
CA LYS B 219 30.59 12.79 10.97
C LYS B 219 29.76 13.63 10.02
N ALA B 220 29.10 12.98 9.07
CA ALA B 220 28.34 13.68 8.05
C ALA B 220 27.01 14.24 8.57
N VAL B 221 26.35 13.51 9.47
CA VAL B 221 25.07 13.99 9.97
C VAL B 221 25.24 14.83 11.22
N SER B 222 26.45 14.84 11.76
CA SER B 222 26.74 15.58 12.97
C SER B 222 25.86 16.82 13.13
N GLY B 223 25.14 16.88 14.25
CA GLY B 223 24.34 18.06 14.60
C GLY B 223 23.34 18.47 13.54
N ILE B 224 23.52 18.01 12.32
CA ILE B 224 22.62 18.37 11.23
C ILE B 224 21.29 17.63 11.33
N VAL B 225 21.30 16.50 12.03
CA VAL B 225 20.09 15.72 12.25
C VAL B 225 20.29 14.69 13.35
N HIS B 226 19.52 14.82 14.42
CA HIS B 226 19.64 13.91 15.57
C HIS B 226 18.70 12.72 15.44
N MET B 227 19.26 11.56 15.12
CA MET B 227 18.45 10.35 14.97
C MET B 227 19.26 9.10 15.26
N GLN B 228 18.59 8.07 15.76
CA GLN B 228 19.27 6.83 16.16
C GLN B 228 19.94 6.15 14.98
N ALA B 229 21.07 5.49 15.24
CA ALA B 229 21.82 4.78 14.22
C ALA B 229 22.04 3.34 14.63
N ALA B 230 21.62 2.41 13.79
CA ALA B 230 21.81 0.99 14.07
C ALA B 230 23.30 0.58 14.12
N PRO B 231 23.61 -0.56 14.77
CA PRO B 231 25.02 -0.96 14.81
C PRO B 231 25.50 -1.50 13.47
N LYS B 232 26.71 -1.11 13.07
CA LYS B 232 27.29 -1.55 11.81
C LYS B 232 27.53 -3.06 11.77
N GLU B 233 27.85 -3.65 12.92
CA GLU B 233 28.09 -5.09 13.00
C GLU B 233 26.84 -5.90 12.65
N GLU B 234 25.73 -5.60 13.31
CA GLU B 234 24.48 -6.30 13.03
C GLU B 234 24.07 -6.01 11.59
N CYS B 235 24.22 -4.75 11.17
CA CYS B 235 23.89 -4.36 9.81
C CYS B 235 24.63 -5.20 8.77
N ALA B 236 25.92 -5.43 9.01
CA ALA B 236 26.75 -6.21 8.10
C ALA B 236 26.32 -7.68 8.06
N LEU B 237 25.95 -8.21 9.22
CA LEU B 237 25.49 -9.60 9.33
C LEU B 237 24.20 -9.79 8.55
N GLU B 238 23.30 -8.81 8.62
CA GLU B 238 22.03 -8.90 7.93
C GLU B 238 22.20 -8.83 6.42
N ILE B 239 23.22 -8.12 5.96
CA ILE B 239 23.49 -8.03 4.53
C ILE B 239 23.96 -9.38 4.03
N ILE B 240 24.79 -10.05 4.82
CA ILE B 240 25.29 -11.37 4.44
C ILE B 240 24.14 -12.40 4.43
N LYS B 241 23.44 -12.54 5.54
CA LYS B 241 22.31 -13.47 5.61
C LYS B 241 21.40 -13.33 4.38
N GLY B 242 20.98 -12.10 4.09
CA GLY B 242 20.09 -11.84 2.97
C GLY B 242 20.70 -12.32 1.68
N GLY B 243 21.97 -11.99 1.48
CA GLY B 243 22.69 -12.45 0.31
C GLY B 243 22.75 -13.97 0.25
N ALA B 244 22.93 -14.60 1.41
CA ALA B 244 23.07 -16.05 1.49
C ALA B 244 21.76 -16.78 1.24
N LEU B 245 20.67 -16.24 1.76
CA LEU B 245 19.36 -16.86 1.53
C LEU B 245 18.73 -16.44 0.20
N ARG B 246 19.51 -15.74 -0.62
CA ARG B 246 19.09 -15.34 -1.97
C ARG B 246 17.79 -14.55 -1.93
N GLN B 247 17.72 -13.58 -1.04
CA GLN B 247 16.55 -12.72 -0.96
C GLN B 247 16.71 -11.62 -2.00
N GLU B 248 15.59 -11.12 -2.50
CA GLU B 248 15.60 -10.07 -3.51
C GLU B 248 15.93 -8.72 -2.90
N GLU B 249 15.55 -8.55 -1.64
CA GLU B 249 15.78 -7.29 -0.95
C GLU B 249 15.86 -7.46 0.55
N VAL B 250 16.73 -6.68 1.18
CA VAL B 250 16.84 -6.66 2.62
C VAL B 250 16.56 -5.25 3.12
N TYR B 251 16.05 -5.15 4.33
CA TYR B 251 15.72 -3.85 4.91
C TYR B 251 16.25 -3.76 6.33
N TYR B 252 17.07 -2.76 6.60
CA TYR B 252 17.68 -2.63 7.91
C TYR B 252 17.74 -1.19 8.39
N ASP B 253 17.01 -0.90 9.46
CA ASP B 253 17.03 0.42 10.10
C ASP B 253 16.91 0.24 11.61
N SER B 254 17.06 1.34 12.34
CA SER B 254 16.89 1.28 13.79
C SER B 254 15.45 0.96 14.09
N SER B 255 14.57 1.70 13.45
CA SER B 255 13.14 1.57 13.64
C SER B 255 12.50 0.46 12.80
N LEU B 256 11.50 -0.21 13.37
CA LEU B 256 10.72 -1.18 12.61
C LEU B 256 9.67 -0.43 11.81
N TRP B 257 9.29 0.75 12.31
CA TRP B 257 8.39 1.61 11.56
C TRP B 257 9.01 1.87 10.21
N THR B 258 10.31 2.15 10.22
CA THR B 258 11.03 2.46 8.98
C THR B 258 11.10 1.25 8.06
N THR B 259 11.55 0.13 8.60
CA THR B 259 11.86 -1.05 7.79
C THR B 259 10.63 -1.77 7.25
N LEU B 260 9.46 -1.48 7.83
CA LEU B 260 8.23 -2.13 7.40
C LEU B 260 7.53 -1.25 6.38
N LEU B 261 7.72 0.06 6.56
CA LEU B 261 7.00 1.03 5.75
C LEU B 261 7.67 1.35 4.42
N ILE B 262 8.98 1.18 4.35
CA ILE B 262 9.73 1.57 3.16
C ILE B 262 9.59 0.55 2.04
N ARG B 263 9.12 -0.64 2.40
CA ARG B 263 8.89 -1.66 1.40
C ARG B 263 7.68 -1.24 0.59
N ASN B 264 7.75 -1.46 -0.73
CA ASN B 264 6.68 -1.05 -1.62
C ASN B 264 5.89 -2.25 -2.14
N PRO B 265 4.78 -2.58 -1.47
CA PRO B 265 4.07 -3.81 -1.75
C PRO B 265 3.45 -3.82 -3.15
N SER B 266 2.92 -2.68 -3.58
CA SER B 266 2.23 -2.58 -4.86
C SER B 266 3.16 -2.85 -6.03
N ARG B 267 4.31 -2.20 -6.04
CA ARG B 267 5.27 -2.34 -7.14
C ARG B 267 5.59 -3.80 -7.44
N LYS B 268 5.67 -4.60 -6.39
CA LYS B 268 6.03 -6.01 -6.54
C LYS B 268 4.88 -6.76 -7.18
N ILE B 269 3.67 -6.30 -6.89
CA ILE B 269 2.47 -6.92 -7.42
C ILE B 269 2.29 -6.59 -8.91
N LEU B 270 2.47 -5.32 -9.25
CA LEU B 270 2.39 -4.85 -10.63
C LEU B 270 3.41 -5.56 -11.50
N GLU B 271 4.64 -5.63 -11.03
CA GLU B 271 5.71 -6.31 -11.76
C GLU B 271 5.30 -7.73 -12.06
N PHE B 272 4.87 -8.47 -11.05
CA PHE B 272 4.41 -9.83 -11.28
C PHE B 272 3.22 -9.83 -12.23
N LEU B 273 2.33 -8.87 -12.08
CA LEU B 273 1.15 -8.84 -12.93
C LEU B 273 1.46 -8.61 -14.41
N TYR B 274 2.58 -7.94 -14.70
CA TYR B 274 2.99 -7.71 -16.08
C TYR B 274 3.83 -8.88 -16.62
N SER B 275 4.30 -9.73 -15.71
CA SER B 275 5.08 -10.91 -16.10
C SER B 275 4.16 -12.02 -16.60
N THR B 276 3.03 -12.21 -15.91
CA THR B 276 2.03 -13.18 -16.33
C THR B 276 1.40 -12.76 -17.65
N SER B 277 1.18 -11.45 -17.81
CA SER B 277 0.61 -10.91 -19.04
C SER B 277 1.40 -11.25 -20.30
N TYR B 278 2.73 -11.33 -20.18
CA TYR B 278 3.58 -11.65 -21.34
C TYR B 278 4.69 -12.65 -21.00
N GLN C 14 -20.35 9.78 -4.47
CA GLN C 14 -20.59 10.86 -3.45
C GLN C 14 -19.59 12.00 -3.64
N GLN C 15 -20.05 13.07 -4.28
CA GLN C 15 -19.22 14.25 -4.48
C GLN C 15 -19.08 15.00 -3.16
N PRO C 16 -17.84 15.22 -2.71
CA PRO C 16 -17.61 16.09 -1.56
C PRO C 16 -17.94 17.53 -1.94
N LEU C 17 -17.37 18.50 -1.23
CA LEU C 17 -17.63 19.90 -1.55
C LEU C 17 -16.37 20.66 -1.94
N ASN C 18 -16.44 21.35 -3.08
CA ASN C 18 -15.34 22.17 -3.57
C ASN C 18 -15.14 23.39 -2.67
N GLU C 19 -15.56 23.25 -1.42
CA GLU C 19 -15.55 24.36 -0.47
C GLU C 19 -14.61 24.11 0.71
N GLU C 20 -14.26 25.19 1.42
CA GLU C 20 -13.62 25.07 2.72
C GLU C 20 -14.75 24.84 3.72
N PHE C 21 -14.43 24.77 5.00
CA PHE C 21 -15.46 24.69 6.02
C PHE C 21 -15.73 26.01 6.72
N ARG C 22 -17.00 26.31 6.94
CA ARG C 22 -17.39 27.47 7.73
C ARG C 22 -18.57 27.10 8.63
N PRO C 23 -18.62 27.65 9.85
CA PRO C 23 -19.71 27.32 10.76
C PRO C 23 -21.08 27.63 10.18
N GLU C 24 -21.16 28.61 9.28
CA GLU C 24 -22.44 29.05 8.74
C GLU C 24 -23.08 27.93 7.95
N MET C 25 -22.28 26.93 7.59
CA MET C 25 -22.78 25.74 6.94
C MET C 25 -23.85 25.04 7.78
N LEU C 26 -23.77 25.18 9.11
CA LEU C 26 -24.71 24.54 10.02
C LEU C 26 -25.83 25.46 10.52
N GLN C 27 -25.75 26.74 10.17
CA GLN C 27 -26.70 27.73 10.63
C GLN C 27 -28.16 27.40 10.27
N GLY C 28 -28.96 27.09 11.28
CA GLY C 28 -30.36 26.79 11.05
C GLY C 28 -30.62 25.40 10.48
N LYS C 29 -29.58 24.55 10.48
CA LYS C 29 -29.76 23.17 10.07
C LYS C 29 -30.36 22.33 11.18
N LYS C 30 -31.16 21.34 10.81
CA LYS C 30 -31.86 20.52 11.79
C LYS C 30 -31.11 19.22 12.03
N VAL C 31 -30.36 19.17 13.13
CA VAL C 31 -29.43 18.08 13.33
C VAL C 31 -29.69 17.20 14.54
N ILE C 32 -29.63 15.89 14.33
CA ILE C 32 -29.74 14.93 15.42
C ILE C 32 -28.36 14.50 15.88
N VAL C 33 -28.17 14.44 17.19
CA VAL C 33 -26.92 13.93 17.76
C VAL C 33 -27.29 12.91 18.83
N THR C 34 -26.83 11.67 18.66
CA THR C 34 -27.08 10.62 19.65
C THR C 34 -25.90 10.52 20.63
N GLY C 35 -26.14 9.91 21.78
CA GLY C 35 -25.10 9.81 22.79
C GLY C 35 -24.46 11.16 23.07
N ALA C 36 -25.30 12.14 23.36
CA ALA C 36 -24.83 13.52 23.51
C ALA C 36 -24.80 13.98 24.96
N SER C 37 -25.02 13.05 25.89
CA SER C 37 -25.02 13.40 27.31
C SER C 37 -23.61 13.59 27.86
N LYS C 38 -22.62 13.01 27.19
CA LYS C 38 -21.22 13.22 27.56
C LYS C 38 -20.25 13.03 26.41
N GLY C 39 -18.96 12.94 26.73
CA GLY C 39 -17.93 12.70 25.71
C GLY C 39 -18.09 13.52 24.44
N ILE C 40 -17.79 12.90 23.31
CA ILE C 40 -17.73 13.59 22.02
C ILE C 40 -19.09 14.03 21.51
N GLY C 41 -20.12 13.29 21.90
CA GLY C 41 -21.49 13.64 21.54
C GLY C 41 -21.86 14.97 22.14
N ARG C 42 -21.65 15.12 23.44
CA ARG C 42 -21.91 16.38 24.09
C ARG C 42 -21.20 17.50 23.36
N GLU C 43 -19.90 17.32 23.13
CA GLU C 43 -19.09 18.32 22.44
C GLU C 43 -19.67 18.67 21.08
N MET C 44 -20.10 17.65 20.34
CA MET C 44 -20.68 17.88 19.02
C MET C 44 -21.94 18.78 19.07
N ALA C 45 -22.82 18.53 20.04
CA ALA C 45 -24.01 19.37 20.21
C ALA C 45 -23.63 20.80 20.61
N TYR C 46 -22.68 20.96 21.53
CA TYR C 46 -22.24 22.30 21.84
C TYR C 46 -21.77 23.01 20.56
N HIS C 47 -20.78 22.45 19.88
CA HIS C 47 -20.32 23.04 18.61
C HIS C 47 -21.51 23.49 17.76
N LEU C 48 -22.42 22.56 17.44
CA LEU C 48 -23.57 22.87 16.60
C LEU C 48 -24.43 24.00 17.16
N ALA C 49 -24.56 24.05 18.48
CA ALA C 49 -25.31 25.11 19.12
C ALA C 49 -24.67 26.46 18.81
N LYS C 50 -23.35 26.51 18.85
CA LYS C 50 -22.62 27.73 18.51
C LYS C 50 -22.80 28.13 17.04
N MET C 51 -23.07 27.15 16.19
CA MET C 51 -23.24 27.40 14.76
C MET C 51 -24.68 27.76 14.46
N GLY C 52 -25.46 28.02 15.50
CA GLY C 52 -26.85 28.43 15.34
C GLY C 52 -27.74 27.35 14.72
N ALA C 53 -27.44 26.10 15.02
CA ALA C 53 -28.21 24.97 14.52
C ALA C 53 -29.40 24.66 15.42
N HIS C 54 -30.38 23.93 14.89
CA HIS C 54 -31.37 23.25 15.70
C HIS C 54 -30.80 21.89 16.05
N VAL C 55 -30.83 21.53 17.33
CA VAL C 55 -30.31 20.23 17.75
C VAL C 55 -31.38 19.43 18.47
N VAL C 56 -31.29 18.12 18.35
CA VAL C 56 -32.09 17.25 19.19
C VAL C 56 -31.11 16.18 19.66
N VAL C 57 -30.84 16.18 20.95
CA VAL C 57 -29.85 15.29 21.54
C VAL C 57 -30.57 14.12 22.20
N THR C 58 -29.88 13.00 22.32
CA THR C 58 -30.44 11.85 23.02
C THR C 58 -29.38 10.97 23.67
N ALA C 59 -29.84 10.25 24.69
CA ALA C 59 -29.02 9.38 25.53
C ALA C 59 -29.96 8.86 26.63
N ARG C 60 -29.47 7.98 27.50
CA ARG C 60 -30.30 7.50 28.60
C ARG C 60 -30.43 8.53 29.73
N SER C 61 -29.36 9.29 29.97
CA SER C 61 -29.31 10.22 31.11
C SER C 61 -30.23 11.42 30.96
N LYS C 62 -31.48 11.26 31.37
CA LYS C 62 -32.47 12.32 31.27
C LYS C 62 -32.01 13.61 31.91
N GLU C 63 -31.51 13.53 33.14
CA GLU C 63 -31.19 14.73 33.90
C GLU C 63 -30.03 15.53 33.30
N THR C 64 -28.94 14.86 32.94
CA THR C 64 -27.79 15.58 32.40
C THR C 64 -28.00 15.95 30.93
N LEU C 65 -29.01 15.36 30.31
CA LEU C 65 -29.39 15.77 28.97
C LEU C 65 -30.10 17.12 29.05
N GLN C 66 -30.84 17.33 30.13
CA GLN C 66 -31.47 18.63 30.32
C GLN C 66 -30.45 19.75 30.46
N LYS C 67 -29.37 19.50 31.19
CA LYS C 67 -28.32 20.51 31.34
C LYS C 67 -27.62 20.78 30.00
N VAL C 68 -27.50 19.75 29.17
CA VAL C 68 -26.88 19.91 27.86
C VAL C 68 -27.76 20.82 26.99
N VAL C 69 -29.06 20.62 27.06
CA VAL C 69 -29.99 21.43 26.29
C VAL C 69 -29.90 22.87 26.78
N SER C 70 -29.80 23.03 28.10
CA SER C 70 -29.71 24.36 28.70
C SER C 70 -28.50 25.14 28.23
N HIS C 71 -27.34 24.49 28.22
CA HIS C 71 -26.12 25.15 27.78
C HIS C 71 -26.14 25.41 26.27
N CYS C 72 -26.78 24.52 25.51
CA CYS C 72 -26.90 24.70 24.07
C CYS C 72 -27.64 26.01 23.76
N LEU C 73 -28.70 26.29 24.51
CA LEU C 73 -29.45 27.52 24.32
C LEU C 73 -28.63 28.76 24.64
N GLU C 74 -27.84 28.71 25.73
CA GLU C 74 -26.90 29.79 26.06
C GLU C 74 -25.89 30.03 24.95
N LEU C 75 -25.44 28.96 24.31
CA LEU C 75 -24.41 29.04 23.28
C LEU C 75 -24.95 29.60 21.97
N GLY C 76 -26.27 29.58 21.82
CA GLY C 76 -26.91 30.19 20.67
C GLY C 76 -27.62 29.25 19.71
N ALA C 77 -27.92 28.03 20.14
CA ALA C 77 -28.67 27.10 19.32
C ALA C 77 -29.96 27.77 18.86
N ALA C 78 -30.39 27.47 17.64
CA ALA C 78 -31.63 28.02 17.12
C ALA C 78 -32.76 27.42 17.94
N SER C 79 -32.57 26.16 18.32
CA SER C 79 -33.43 25.50 19.28
C SER C 79 -32.70 24.24 19.74
N ALA C 80 -33.11 23.73 20.89
CA ALA C 80 -32.44 22.59 21.51
C ALA C 80 -33.42 21.75 22.31
N HIS C 81 -33.57 20.48 21.95
CA HIS C 81 -34.44 19.59 22.70
C HIS C 81 -33.76 18.27 23.03
N TYR C 82 -34.34 17.55 23.99
CA TYR C 82 -33.86 16.22 24.31
C TYR C 82 -34.97 15.23 24.49
N ILE C 83 -34.65 13.96 24.27
CA ILE C 83 -35.57 12.87 24.48
C ILE C 83 -34.72 11.76 25.06
N ALA C 84 -35.03 11.35 26.29
CA ALA C 84 -34.24 10.32 26.97
C ALA C 84 -34.72 8.92 26.64
N GLY C 85 -33.77 8.04 26.38
CA GLY C 85 -34.09 6.64 26.11
C GLY C 85 -32.87 5.81 25.80
N THR C 86 -33.06 4.50 25.71
CA THR C 86 -31.95 3.62 25.46
C THR C 86 -32.04 3.04 24.05
N MET C 87 -30.90 3.01 23.36
CA MET C 87 -30.83 2.54 21.98
C MET C 87 -30.84 1.01 21.89
N GLU C 88 -31.00 0.34 23.04
CA GLU C 88 -31.21 -1.09 23.05
C GLU C 88 -32.61 -1.40 22.56
N ASP C 89 -33.45 -0.37 22.53
CA ASP C 89 -34.87 -0.48 22.19
C ASP C 89 -35.09 0.04 20.77
N MET C 90 -35.32 -0.86 19.82
CA MET C 90 -35.48 -0.48 18.42
C MET C 90 -36.76 0.33 18.21
N THR C 91 -37.78 0.07 19.03
CA THR C 91 -39.00 0.86 18.96
C THR C 91 -38.70 2.31 19.35
N PHE C 92 -38.04 2.50 20.49
CA PHE C 92 -37.67 3.84 20.94
C PHE C 92 -36.92 4.61 19.87
N ALA C 93 -35.83 4.03 19.37
CA ALA C 93 -35.05 4.68 18.32
C ALA C 93 -35.95 5.11 17.18
N GLU C 94 -36.82 4.20 16.75
CA GLU C 94 -37.74 4.49 15.67
C GLU C 94 -38.66 5.66 16.03
N GLN C 95 -39.20 5.65 17.24
CA GLN C 95 -40.09 6.71 17.71
C GLN C 95 -39.35 8.04 17.94
N PHE C 96 -38.06 7.95 18.23
CA PHE C 96 -37.29 9.14 18.57
C PHE C 96 -36.95 10.03 17.38
N VAL C 97 -36.79 9.43 16.21
CA VAL C 97 -36.52 10.22 15.01
C VAL C 97 -37.80 10.89 14.55
N ALA C 98 -38.89 10.13 14.51
CA ALA C 98 -40.18 10.71 14.15
C ALA C 98 -40.46 11.93 15.02
N GLN C 99 -40.22 11.80 16.33
CA GLN C 99 -40.46 12.92 17.24
C GLN C 99 -39.46 14.07 17.08
N ALA C 100 -38.19 13.75 16.84
CA ALA C 100 -37.17 14.78 16.63
C ALA C 100 -37.43 15.59 15.36
N GLY C 101 -37.96 14.91 14.34
CA GLY C 101 -38.33 15.59 13.11
C GLY C 101 -39.51 16.52 13.30
N LYS C 102 -40.35 16.21 14.27
CA LYS C 102 -41.50 17.07 14.57
C LYS C 102 -41.04 18.29 15.36
N LEU C 103 -40.09 18.09 16.26
CA LEU C 103 -39.55 19.19 17.07
C LEU C 103 -38.76 20.21 16.24
N MET C 104 -38.14 19.74 15.17
CA MET C 104 -37.30 20.63 14.36
C MET C 104 -37.97 21.04 13.06
N GLY C 105 -38.92 20.23 12.59
CA GLY C 105 -39.58 20.51 11.32
C GLY C 105 -38.71 20.05 10.17
N GLY C 106 -38.21 18.82 10.27
CA GLY C 106 -37.29 18.27 9.27
C GLY C 106 -35.99 17.77 9.87
N LEU C 107 -35.03 17.45 9.00
CA LEU C 107 -33.73 16.92 9.41
C LEU C 107 -32.69 17.05 8.30
N ASP C 108 -31.54 17.62 8.63
CA ASP C 108 -30.48 17.83 7.64
C ASP C 108 -29.31 16.91 7.88
N MET C 109 -29.05 16.59 9.15
CA MET C 109 -27.91 15.75 9.47
C MET C 109 -28.21 14.78 10.61
N LEU C 110 -27.92 13.51 10.37
CA LEU C 110 -28.06 12.47 11.39
C LEU C 110 -26.68 12.00 11.83
N ILE C 111 -26.24 12.48 13.00
CA ILE C 111 -24.95 12.12 13.56
C ILE C 111 -25.18 10.95 14.51
N LEU C 112 -24.67 9.78 14.15
CA LEU C 112 -24.85 8.56 14.95
C LEU C 112 -23.56 8.23 15.68
N ASN C 113 -23.60 8.34 17.00
CA ASN C 113 -22.38 8.46 17.80
C ASN C 113 -22.34 7.51 19.00
N HIS C 114 -23.47 7.38 19.69
CA HIS C 114 -23.58 6.54 20.89
C HIS C 114 -23.02 5.12 20.74
N ILE C 115 -22.50 4.58 21.85
CA ILE C 115 -22.11 3.18 21.96
C ILE C 115 -22.52 2.61 23.32
N THR C 116 -22.57 1.30 23.42
CA THR C 116 -22.90 0.64 24.69
C THR C 116 -21.66 0.57 25.60
N ASN C 117 -21.87 0.61 26.91
CA ASN C 117 -20.76 0.55 27.88
C ASN C 117 -19.73 -0.50 27.49
N THR C 118 -18.49 -0.08 27.29
CA THR C 118 -17.46 -0.98 26.84
C THR C 118 -16.18 -0.74 27.63
N SER C 119 -15.48 -1.82 27.98
CA SER C 119 -14.18 -1.69 28.61
C SER C 119 -13.19 -2.71 28.05
N LEU C 120 -11.94 -2.60 28.48
CA LEU C 120 -10.90 -3.50 28.03
C LEU C 120 -10.98 -4.86 28.70
N ASN C 121 -11.31 -5.89 27.92
CA ASN C 121 -11.40 -7.25 28.44
C ASN C 121 -11.15 -8.28 27.34
N LEU C 122 -10.27 -9.23 27.62
CA LEU C 122 -10.14 -10.39 26.74
C LEU C 122 -11.51 -11.00 26.60
N PHE C 123 -11.82 -11.50 25.41
CA PHE C 123 -13.09 -12.19 25.21
C PHE C 123 -13.04 -13.53 25.92
N HIS C 124 -14.12 -13.88 26.62
CA HIS C 124 -14.28 -15.22 27.16
C HIS C 124 -15.76 -15.52 27.34
N ASP C 125 -16.33 -16.25 26.38
CA ASP C 125 -17.75 -16.60 26.38
C ASP C 125 -18.68 -15.49 26.86
N ASP C 126 -18.49 -14.30 26.31
CA ASP C 126 -19.33 -13.16 26.67
C ASP C 126 -20.22 -12.79 25.50
N ILE C 127 -20.97 -13.77 25.01
CA ILE C 127 -21.90 -13.58 23.91
C ILE C 127 -22.92 -12.46 24.17
N HIS C 128 -23.31 -12.26 25.42
CA HIS C 128 -24.27 -11.22 25.74
C HIS C 128 -23.70 -9.84 25.45
N HIS C 129 -22.40 -9.66 25.65
CA HIS C 129 -21.79 -8.38 25.35
C HIS C 129 -21.56 -8.24 23.86
N VAL C 130 -21.41 -9.36 23.17
CA VAL C 130 -21.26 -9.34 21.71
C VAL C 130 -22.58 -8.94 21.07
N ARG C 131 -23.67 -9.58 21.49
CA ARG C 131 -25.00 -9.27 20.97
C ARG C 131 -25.45 -7.85 21.28
N LYS C 132 -25.20 -7.41 22.51
CA LYS C 132 -25.62 -6.07 22.92
C LYS C 132 -24.83 -5.00 22.18
N SER C 133 -23.53 -5.22 22.05
CA SER C 133 -22.69 -4.32 21.27
C SER C 133 -23.30 -4.20 19.89
N MET C 134 -23.63 -5.33 19.31
CA MET C 134 -24.13 -5.33 17.94
C MET C 134 -25.49 -4.61 17.82
N GLU C 135 -26.31 -4.70 18.88
CA GLU C 135 -27.64 -4.10 18.82
C GLU C 135 -27.61 -2.59 19.03
N VAL C 136 -26.82 -2.14 20.00
CA VAL C 136 -26.70 -0.72 20.32
C VAL C 136 -25.75 -0.02 19.35
N ASN C 137 -24.59 -0.61 19.15
CA ASN C 137 -23.52 0.02 18.38
C ASN C 137 -23.80 0.00 16.90
N PHE C 138 -24.52 -1.02 16.44
CA PHE C 138 -24.70 -1.21 15.00
C PHE C 138 -26.14 -1.21 14.50
N LEU C 139 -26.97 -2.09 15.03
CA LEU C 139 -28.33 -2.24 14.53
C LEU C 139 -29.23 -1.02 14.75
N SER C 140 -29.13 -0.40 15.92
CA SER C 140 -29.89 0.82 16.19
C SER C 140 -29.57 1.93 15.19
N TYR C 141 -28.30 2.05 14.81
CA TYR C 141 -27.86 3.00 13.79
C TYR C 141 -28.61 2.76 12.49
N VAL C 142 -28.82 1.49 12.15
CA VAL C 142 -29.51 1.16 10.92
C VAL C 142 -30.98 1.54 11.02
N VAL C 143 -31.58 1.24 12.17
CA VAL C 143 -33.00 1.52 12.39
C VAL C 143 -33.25 3.03 12.37
N LEU C 144 -32.38 3.77 13.06
CA LEU C 144 -32.46 5.23 13.04
C LEU C 144 -32.33 5.76 11.61
N THR C 145 -31.34 5.24 10.88
CA THR C 145 -31.14 5.63 9.50
C THR C 145 -32.42 5.42 8.69
N VAL C 146 -33.04 4.25 8.83
CA VAL C 146 -34.25 3.94 8.08
C VAL C 146 -35.39 4.90 8.40
N ALA C 147 -35.47 5.31 9.67
CA ALA C 147 -36.53 6.19 10.13
C ALA C 147 -36.28 7.60 9.64
N ALA C 148 -35.01 7.94 9.53
CA ALA C 148 -34.60 9.30 9.20
C ALA C 148 -34.56 9.51 7.70
N LEU C 149 -34.49 8.43 6.94
CA LEU C 149 -34.25 8.52 5.50
C LEU C 149 -35.28 9.34 4.70
N PRO C 150 -36.58 9.19 5.00
CA PRO C 150 -37.50 10.06 4.26
C PRO C 150 -37.22 11.56 4.45
N MET C 151 -36.93 11.99 5.68
CA MET C 151 -36.64 13.41 5.93
C MET C 151 -35.32 13.89 5.34
N LEU C 152 -34.35 13.00 5.25
CA LEU C 152 -33.03 13.37 4.74
C LEU C 152 -33.01 13.36 3.24
N LYS C 153 -33.96 12.65 2.65
CA LYS C 153 -34.09 12.61 1.20
C LYS C 153 -34.74 13.91 0.80
N GLN C 154 -35.64 14.36 1.66
CA GLN C 154 -36.38 15.59 1.45
C GLN C 154 -35.45 16.81 1.45
N SER C 155 -34.44 16.78 2.33
CA SER C 155 -33.52 17.91 2.47
C SER C 155 -32.13 17.64 1.92
N ASN C 156 -32.00 16.67 1.00
CA ASN C 156 -30.69 16.25 0.49
C ASN C 156 -29.62 16.27 1.58
N GLY C 157 -29.84 15.50 2.63
CA GLY C 157 -29.07 15.60 3.86
C GLY C 157 -27.93 14.62 4.05
N SER C 158 -27.40 14.60 5.28
CA SER C 158 -26.18 13.85 5.60
C SER C 158 -26.39 12.86 6.76
N ILE C 159 -25.72 11.71 6.64
CA ILE C 159 -25.63 10.76 7.73
C ILE C 159 -24.18 10.65 8.16
N VAL C 160 -23.91 10.95 9.42
CA VAL C 160 -22.55 10.84 9.94
C VAL C 160 -22.48 9.63 10.87
N VAL C 161 -21.55 8.73 10.60
CA VAL C 161 -21.35 7.55 11.45
C VAL C 161 -20.01 7.66 12.17
N VAL C 162 -20.05 7.67 13.50
CA VAL C 162 -18.83 7.77 14.29
C VAL C 162 -18.21 6.39 14.57
N SER C 163 -16.95 6.21 14.19
CA SER C 163 -16.29 4.91 14.30
C SER C 163 -14.89 5.05 14.88
N SER C 164 -14.07 3.99 14.72
CA SER C 164 -12.83 3.88 15.48
C SER C 164 -11.69 3.22 14.68
N LEU C 165 -10.46 3.45 15.09
CA LEU C 165 -9.32 2.71 14.58
C LEU C 165 -9.66 1.23 14.59
N ALA C 166 -10.24 0.79 15.71
CA ALA C 166 -10.70 -0.58 15.91
C ALA C 166 -11.79 -1.01 14.93
N GLY C 167 -12.26 -0.07 14.12
CA GLY C 167 -13.23 -0.37 13.07
C GLY C 167 -12.59 -0.48 11.70
N LYS C 168 -11.26 -0.49 11.65
CA LYS C 168 -10.53 -0.63 10.39
C LYS C 168 -9.41 -1.67 10.53
N VAL C 169 -8.77 -1.71 11.68
CA VAL C 169 -7.75 -2.72 11.97
C VAL C 169 -8.08 -3.46 13.26
N ALA C 170 -7.38 -4.56 13.52
CA ALA C 170 -7.70 -5.42 14.64
C ALA C 170 -6.87 -5.13 15.88
N TYR C 171 -7.53 -5.11 17.03
CA TYR C 171 -6.84 -5.03 18.32
C TYR C 171 -7.31 -6.15 19.24
N PRO C 172 -6.46 -6.53 20.21
CA PRO C 172 -6.96 -7.41 21.27
C PRO C 172 -7.78 -6.64 22.29
N MET C 173 -8.71 -7.33 22.94
CA MET C 173 -9.42 -6.75 24.09
C MET C 173 -10.64 -5.86 23.76
N VAL C 174 -10.97 -5.76 22.48
CA VAL C 174 -12.12 -4.99 22.03
C VAL C 174 -12.78 -5.77 20.91
N ALA C 175 -13.04 -7.05 21.14
CA ALA C 175 -13.59 -7.90 20.07
C ALA C 175 -15.02 -7.53 19.70
N ALA C 176 -15.91 -7.51 20.69
CA ALA C 176 -17.30 -7.11 20.48
C ALA C 176 -17.38 -5.71 19.87
N TYR C 177 -16.71 -4.75 20.50
CA TYR C 177 -16.63 -3.39 19.99
C TYR C 177 -16.22 -3.40 18.52
N SER C 178 -15.01 -3.88 18.26
CA SER C 178 -14.47 -3.93 16.91
C SER C 178 -15.42 -4.60 15.92
N ALA C 179 -16.10 -5.65 16.36
CA ALA C 179 -17.03 -6.36 15.51
C ALA C 179 -18.15 -5.42 15.06
N SER C 180 -18.62 -4.58 15.98
CA SER C 180 -19.72 -3.70 15.64
C SER C 180 -19.29 -2.52 14.77
N LYS C 181 -18.05 -2.07 14.95
CA LYS C 181 -17.52 -0.97 14.16
C LYS C 181 -17.16 -1.39 12.75
N PHE C 182 -16.79 -2.66 12.58
CA PHE C 182 -16.47 -3.21 11.26
C PHE C 182 -17.78 -3.39 10.51
N ALA C 183 -18.81 -3.73 11.27
CA ALA C 183 -20.17 -3.89 10.74
C ALA C 183 -20.71 -2.58 10.13
N LEU C 184 -20.46 -1.45 10.80
CA LEU C 184 -20.91 -0.14 10.35
C LEU C 184 -20.27 0.27 9.03
N ASP C 185 -18.98 0.00 8.92
CA ASP C 185 -18.27 0.25 7.68
C ASP C 185 -18.94 -0.53 6.57
N GLY C 186 -19.04 -1.85 6.76
CA GLY C 186 -19.62 -2.71 5.75
C GLY C 186 -20.98 -2.23 5.29
N PHE C 187 -21.90 -2.06 6.23
CA PHE C 187 -23.26 -1.69 5.86
C PHE C 187 -23.34 -0.31 5.24
N PHE C 188 -22.81 0.68 5.91
CA PHE C 188 -22.95 2.06 5.44
C PHE C 188 -22.17 2.33 4.16
N SER C 189 -20.99 1.72 4.05
CA SER C 189 -20.21 1.82 2.82
C SER C 189 -21.00 1.19 1.67
N SER C 190 -21.67 0.08 1.95
CA SER C 190 -22.41 -0.59 0.91
C SER C 190 -23.58 0.27 0.46
N ILE C 191 -24.31 0.83 1.41
CA ILE C 191 -25.46 1.64 1.04
C ILE C 191 -25.03 2.94 0.36
N ARG C 192 -23.84 3.43 0.70
CA ARG C 192 -23.33 4.63 0.05
C ARG C 192 -23.23 4.42 -1.46
N LYS C 193 -22.70 3.27 -1.87
CA LYS C 193 -22.59 2.94 -3.30
C LYS C 193 -23.98 2.74 -3.91
N GLU C 194 -24.92 2.26 -3.11
CA GLU C 194 -26.28 2.09 -3.59
C GLU C 194 -26.90 3.44 -3.90
N TYR C 195 -26.82 4.37 -2.94
CA TYR C 195 -27.35 5.71 -3.14
C TYR C 195 -26.72 6.33 -4.38
N SER C 196 -25.45 6.04 -4.59
CA SER C 196 -24.72 6.58 -5.72
C SER C 196 -25.36 6.19 -7.06
N VAL C 197 -25.82 4.95 -7.17
CA VAL C 197 -26.40 4.47 -8.44
C VAL C 197 -27.89 4.82 -8.60
N SER C 198 -28.66 4.74 -7.52
CA SER C 198 -30.06 5.09 -7.61
C SER C 198 -30.20 6.59 -7.46
N ARG C 199 -29.07 7.28 -7.63
CA ARG C 199 -28.96 8.72 -7.34
C ARG C 199 -29.83 9.20 -6.18
N VAL C 200 -29.42 8.84 -4.97
CA VAL C 200 -30.05 9.34 -3.76
C VAL C 200 -29.08 10.31 -3.09
N ASN C 201 -29.48 11.57 -2.99
CA ASN C 201 -28.57 12.60 -2.52
C ASN C 201 -28.43 12.68 -1.00
N VAL C 202 -28.30 11.54 -0.35
CA VAL C 202 -27.94 11.52 1.05
C VAL C 202 -26.48 11.11 1.16
N SER C 203 -25.67 11.99 1.74
CA SER C 203 -24.27 11.70 1.92
C SER C 203 -24.12 10.83 3.16
N ILE C 204 -23.01 10.10 3.23
CA ILE C 204 -22.71 9.21 4.34
C ILE C 204 -21.25 9.38 4.73
N THR C 205 -21.02 9.83 5.96
CA THR C 205 -19.67 10.10 6.44
C THR C 205 -19.29 9.15 7.55
N LEU C 206 -18.27 8.33 7.32
CA LEU C 206 -17.73 7.44 8.32
C LEU C 206 -16.50 8.04 8.98
N CYS C 207 -16.59 8.27 10.29
CA CYS C 207 -15.49 8.85 11.04
C CYS C 207 -14.69 7.78 11.79
N VAL C 208 -13.38 7.82 11.59
CA VAL C 208 -12.47 6.83 12.15
C VAL C 208 -11.56 7.48 13.17
N LEU C 209 -11.89 7.32 14.45
CA LEU C 209 -11.20 8.06 15.50
C LEU C 209 -10.13 7.27 16.23
N GLY C 210 -9.07 7.96 16.58
CA GLY C 210 -8.05 7.40 17.42
C GLY C 210 -8.49 7.69 18.83
N LEU C 211 -7.60 7.54 19.80
CA LEU C 211 -7.96 7.76 21.18
C LEU C 211 -8.32 9.22 21.43
N ILE C 212 -9.47 9.44 22.06
CA ILE C 212 -9.92 10.79 22.40
C ILE C 212 -10.03 10.87 23.90
N ASP C 213 -9.69 12.02 24.48
CA ASP C 213 -9.62 12.16 25.92
C ASP C 213 -10.98 12.32 26.61
N THR C 214 -11.93 11.43 26.31
CA THR C 214 -13.19 11.46 27.02
C THR C 214 -13.05 10.73 28.35
N GLU C 215 -13.81 11.16 29.33
CA GLU C 215 -13.71 10.58 30.67
C GLU C 215 -13.70 9.05 30.62
N THR C 216 -14.74 8.48 30.02
CA THR C 216 -14.95 7.04 29.99
C THR C 216 -13.84 6.26 29.27
N ALA C 217 -13.36 6.80 28.15
CA ALA C 217 -12.33 6.12 27.38
C ALA C 217 -10.99 6.18 28.10
N MET C 218 -10.74 7.31 28.76
CA MET C 218 -9.50 7.50 29.53
C MET C 218 -9.45 6.53 30.69
N LYS C 219 -10.61 6.30 31.30
CA LYS C 219 -10.71 5.37 32.40
C LYS C 219 -10.49 3.96 31.88
N ALA C 220 -11.07 3.68 30.72
CA ALA C 220 -11.00 2.32 30.16
C ALA C 220 -9.57 1.88 29.88
N VAL C 221 -8.69 2.84 29.57
CA VAL C 221 -7.32 2.50 29.19
C VAL C 221 -6.28 2.95 30.22
N SER C 222 -6.72 3.21 31.44
CA SER C 222 -5.80 3.65 32.49
C SER C 222 -4.69 2.63 32.78
N GLY C 223 -4.96 1.35 32.49
CA GLY C 223 -4.02 0.30 32.83
C GLY C 223 -3.08 -0.06 31.69
N ILE C 224 -2.96 0.85 30.72
CA ILE C 224 -2.08 0.65 29.56
C ILE C 224 -1.36 1.93 29.12
N MET C 227 -0.27 5.70 25.69
CA MET C 227 -1.51 6.04 25.02
C MET C 227 -1.75 7.54 25.00
N GLN C 228 -1.33 8.21 23.94
CA GLN C 228 -1.52 9.66 23.84
C GLN C 228 -2.94 10.00 23.37
N ALA C 229 -3.66 10.82 24.13
CA ALA C 229 -5.06 11.13 23.82
C ALA C 229 -5.26 12.47 23.11
N ALA C 230 -6.14 12.48 22.12
CA ALA C 230 -6.51 13.72 21.43
C ALA C 230 -7.69 14.40 22.12
N PRO C 231 -7.83 15.73 21.94
CA PRO C 231 -8.89 16.54 22.54
C PRO C 231 -10.28 16.30 21.92
N LYS C 232 -11.30 16.19 22.78
CA LYS C 232 -12.65 15.93 22.32
C LYS C 232 -13.28 17.10 21.58
N GLU C 233 -13.02 18.32 22.06
CA GLU C 233 -13.56 19.50 21.38
C GLU C 233 -13.16 19.50 19.91
N GLU C 234 -11.86 19.41 19.64
CA GLU C 234 -11.37 19.41 18.26
C GLU C 234 -11.94 18.23 17.49
N CYS C 235 -11.98 17.06 18.13
CA CYS C 235 -12.50 15.85 17.50
C CYS C 235 -13.93 16.06 17.02
N ALA C 236 -14.80 16.41 17.96
CA ALA C 236 -16.20 16.67 17.68
C ALA C 236 -16.38 17.61 16.50
N LEU C 237 -15.63 18.71 16.50
CA LEU C 237 -15.68 19.66 15.38
C LEU C 237 -15.29 18.99 14.07
N GLU C 238 -14.18 18.26 14.08
CA GLU C 238 -13.73 17.56 12.88
C GLU C 238 -14.78 16.61 12.30
N ILE C 239 -15.59 15.99 13.16
CA ILE C 239 -16.64 15.10 12.69
C ILE C 239 -17.76 15.87 12.02
N ILE C 240 -18.06 17.05 12.54
CA ILE C 240 -19.09 17.92 11.97
C ILE C 240 -18.63 18.48 10.63
N LYS C 241 -17.43 19.03 10.58
CA LYS C 241 -16.82 19.48 9.33
C LYS C 241 -16.99 18.44 8.23
N GLY C 242 -16.45 17.24 8.47
CA GLY C 242 -16.47 16.17 7.49
C GLY C 242 -17.86 15.92 6.95
N GLY C 243 -18.83 15.86 7.85
CA GLY C 243 -20.22 15.63 7.46
C GLY C 243 -20.79 16.78 6.67
N ALA C 244 -20.48 18.01 7.09
CA ALA C 244 -20.98 19.19 6.40
C ALA C 244 -20.39 19.26 4.99
N LEU C 245 -19.13 18.88 4.86
CA LEU C 245 -18.46 18.88 3.55
C LEU C 245 -18.82 17.65 2.73
N ARG C 246 -19.63 16.77 3.32
CA ARG C 246 -20.11 15.58 2.61
C ARG C 246 -18.98 14.64 2.21
N GLN C 247 -17.97 14.52 3.07
CA GLN C 247 -16.83 13.65 2.81
C GLN C 247 -17.21 12.20 3.12
N GLU C 248 -16.55 11.26 2.44
CA GLU C 248 -16.85 9.85 2.61
C GLU C 248 -16.31 9.30 3.93
N GLU C 249 -15.21 9.89 4.41
CA GLU C 249 -14.58 9.42 5.62
C GLU C 249 -13.81 10.54 6.29
N VAL C 250 -13.64 10.43 7.60
CA VAL C 250 -12.86 11.38 8.38
C VAL C 250 -11.91 10.61 9.29
N TYR C 251 -10.64 10.98 9.28
CA TYR C 251 -9.68 10.34 10.17
C TYR C 251 -9.15 11.36 11.16
N TYR C 252 -9.10 10.99 12.42
CA TYR C 252 -8.61 11.91 13.44
C TYR C 252 -7.87 11.20 14.56
N ASP C 253 -6.67 11.68 14.86
CA ASP C 253 -5.81 11.08 15.90
C ASP C 253 -4.73 12.10 16.28
N SER C 254 -4.17 11.99 17.48
CA SER C 254 -3.15 12.93 17.93
C SER C 254 -1.88 12.82 17.09
N SER C 255 -1.68 11.67 16.47
CA SER C 255 -0.47 11.41 15.70
C SER C 255 -0.76 11.32 14.20
N LEU C 256 -0.08 12.15 13.42
CA LEU C 256 -0.23 12.09 11.97
C LEU C 256 0.24 10.74 11.39
N TRP C 257 1.16 10.09 12.09
CA TRP C 257 1.57 8.75 11.69
C TRP C 257 0.34 7.84 11.58
N THR C 258 -0.51 7.87 12.60
CA THR C 258 -1.73 7.06 12.58
C THR C 258 -2.68 7.50 11.48
N THR C 259 -3.10 8.76 11.53
CA THR C 259 -4.11 9.23 10.57
C THR C 259 -3.70 8.91 9.13
N LEU C 260 -2.46 9.18 8.77
CA LEU C 260 -2.02 8.99 7.39
C LEU C 260 -1.86 7.52 7.02
N LEU C 261 -1.49 6.69 7.99
CA LEU C 261 -1.15 5.29 7.70
C LEU C 261 -2.33 4.33 7.68
N ILE C 262 -3.39 4.66 8.40
CA ILE C 262 -4.54 3.76 8.52
C ILE C 262 -5.47 3.85 7.31
N ARG C 263 -5.28 4.87 6.48
CA ARG C 263 -6.04 4.95 5.24
C ARG C 263 -5.66 3.78 4.34
N ASN C 264 -6.61 3.35 3.52
CA ASN C 264 -6.40 2.19 2.67
C ASN C 264 -6.71 2.48 1.20
N PRO C 265 -5.66 2.80 0.45
CA PRO C 265 -5.62 3.06 -1.00
C PRO C 265 -6.07 1.85 -1.80
N SER C 266 -5.48 0.70 -1.52
CA SER C 266 -5.91 -0.52 -2.18
C SER C 266 -7.43 -0.53 -2.33
N ARG C 267 -8.14 -0.51 -1.19
CA ARG C 267 -9.60 -0.65 -1.18
C ARG C 267 -10.35 0.34 -2.08
N LYS C 268 -10.00 1.62 -2.01
CA LYS C 268 -10.72 2.61 -2.80
C LYS C 268 -10.47 2.43 -4.31
N ILE C 269 -9.25 1.99 -4.63
CA ILE C 269 -8.88 1.70 -6.02
C ILE C 269 -9.66 0.51 -6.57
N LEU C 270 -9.73 -0.58 -5.81
CA LEU C 270 -10.47 -1.75 -6.26
C LEU C 270 -11.95 -1.46 -6.45
N GLU C 271 -12.52 -0.70 -5.52
CA GLU C 271 -13.93 -0.35 -5.59
C GLU C 271 -14.21 0.43 -6.88
N PHE C 272 -13.34 1.36 -7.22
CA PHE C 272 -13.54 2.14 -8.44
C PHE C 272 -13.34 1.27 -9.69
N LEU C 273 -12.24 0.56 -9.75
CA LEU C 273 -11.98 -0.30 -10.91
C LEU C 273 -13.16 -1.23 -11.15
N TYR C 274 -13.73 -1.76 -10.08
CA TYR C 274 -14.82 -2.73 -10.21
C TYR C 274 -16.13 -2.10 -10.67
N SER C 275 -16.28 -0.81 -10.42
CA SER C 275 -17.54 -0.11 -10.73
C SER C 275 -17.85 -0.13 -12.22
N GLN D 14 -0.14 -16.32 15.48
CA GLN D 14 -0.09 -17.74 15.00
C GLN D 14 0.91 -17.90 13.84
N GLN D 15 1.88 -18.79 14.03
CA GLN D 15 2.86 -19.04 12.99
C GLN D 15 2.23 -19.96 11.95
N PRO D 16 2.16 -19.51 10.69
CA PRO D 16 1.67 -20.45 9.71
C PRO D 16 2.62 -21.64 9.68
N LEU D 17 2.09 -22.85 9.54
CA LEU D 17 2.95 -24.01 9.42
C LEU D 17 3.84 -23.83 8.20
N ASN D 18 5.15 -23.78 8.41
CA ASN D 18 6.09 -23.63 7.31
C ASN D 18 6.35 -24.96 6.61
N GLU D 19 5.43 -25.36 5.72
CA GLU D 19 5.59 -26.58 4.94
C GLU D 19 4.52 -26.69 3.86
N GLU D 20 4.72 -27.62 2.94
CA GLU D 20 3.77 -27.83 1.86
C GLU D 20 2.59 -28.67 2.32
N PHE D 21 1.41 -28.37 1.78
CA PHE D 21 0.20 -29.09 2.16
C PHE D 21 0.20 -30.52 1.64
N ARG D 22 -0.33 -31.42 2.44
CA ARG D 22 -0.51 -32.82 2.05
C ARG D 22 -1.78 -33.34 2.71
N PRO D 23 -2.61 -34.07 1.96
CA PRO D 23 -3.91 -34.52 2.50
C PRO D 23 -3.75 -35.27 3.82
N GLU D 24 -2.65 -35.99 3.97
CA GLU D 24 -2.35 -36.71 5.21
C GLU D 24 -2.61 -35.83 6.43
N MET D 25 -2.32 -34.54 6.30
CA MET D 25 -2.60 -33.56 7.34
C MET D 25 -4.03 -33.66 7.89
N LEU D 26 -4.96 -34.11 7.06
CA LEU D 26 -6.36 -34.18 7.47
C LEU D 26 -6.85 -35.58 7.85
N GLN D 27 -5.95 -36.56 7.81
CA GLN D 27 -6.32 -37.93 8.10
C GLN D 27 -6.52 -38.14 9.61
N GLY D 28 -7.71 -38.59 9.99
CA GLY D 28 -8.02 -38.83 11.39
C GLY D 28 -8.28 -37.56 12.18
N LYS D 29 -8.43 -36.44 11.50
CA LYS D 29 -8.73 -35.18 12.16
C LYS D 29 -10.23 -35.05 12.35
N LYS D 30 -10.64 -34.41 13.44
CA LYS D 30 -12.06 -34.26 13.74
C LYS D 30 -12.56 -32.86 13.38
N VAL D 31 -13.42 -32.81 12.36
CA VAL D 31 -13.83 -31.55 11.76
C VAL D 31 -15.34 -31.38 11.76
N ILE D 32 -15.80 -30.21 12.18
CA ILE D 32 -17.19 -29.79 11.95
C ILE D 32 -17.23 -28.94 10.70
N VAL D 33 -18.23 -29.17 9.85
CA VAL D 33 -18.49 -28.28 8.73
C VAL D 33 -19.93 -27.82 8.72
N THR D 34 -20.16 -26.53 8.95
CA THR D 34 -21.52 -26.00 8.93
C THR D 34 -21.95 -25.61 7.51
N GLY D 35 -23.24 -25.40 7.32
CA GLY D 35 -23.76 -25.08 6.00
C GLY D 35 -23.17 -26.05 4.99
N ALA D 36 -23.34 -27.35 5.26
CA ALA D 36 -22.69 -28.36 4.45
C ALA D 36 -23.64 -29.17 3.55
N SER D 37 -24.90 -28.77 3.48
CA SER D 37 -25.85 -29.50 2.65
C SER D 37 -25.73 -29.14 1.18
N LYS D 38 -24.96 -28.10 0.87
CA LYS D 38 -24.84 -27.68 -0.51
C LYS D 38 -23.68 -26.71 -0.76
N GLY D 39 -23.42 -26.42 -2.04
CA GLY D 39 -22.37 -25.49 -2.43
C GLY D 39 -20.99 -25.85 -1.87
N ILE D 40 -20.26 -24.83 -1.44
CA ILE D 40 -18.90 -24.99 -0.94
C ILE D 40 -18.84 -25.91 0.29
N GLY D 41 -19.80 -25.74 1.19
CA GLY D 41 -19.89 -26.56 2.39
C GLY D 41 -19.89 -28.04 2.08
N ARG D 42 -20.80 -28.45 1.20
CA ARG D 42 -20.87 -29.83 0.75
C ARG D 42 -19.52 -30.30 0.23
N GLU D 43 -18.91 -29.49 -0.64
CA GLU D 43 -17.63 -29.84 -1.27
C GLU D 43 -16.47 -29.94 -0.28
N MET D 44 -16.49 -29.12 0.77
CA MET D 44 -15.47 -29.24 1.80
C MET D 44 -15.57 -30.59 2.53
N ALA D 45 -16.80 -30.99 2.86
CA ALA D 45 -17.04 -32.28 3.50
C ALA D 45 -16.48 -33.43 2.66
N TYR D 46 -16.84 -33.47 1.38
CA TYR D 46 -16.33 -34.47 0.47
C TYR D 46 -14.80 -34.53 0.42
N HIS D 47 -14.15 -33.36 0.34
CA HIS D 47 -12.68 -33.32 0.34
C HIS D 47 -12.14 -33.93 1.63
N LEU D 48 -12.70 -33.54 2.77
CA LEU D 48 -12.28 -34.09 4.06
C LEU D 48 -12.58 -35.59 4.11
N ALA D 49 -13.71 -35.97 3.54
CA ALA D 49 -14.04 -37.37 3.36
C ALA D 49 -12.88 -38.12 2.69
N LYS D 50 -12.48 -37.66 1.51
CA LYS D 50 -11.39 -38.29 0.77
C LYS D 50 -10.07 -38.33 1.54
N MET D 51 -9.87 -37.37 2.45
CA MET D 51 -8.64 -37.31 3.24
C MET D 51 -8.71 -38.18 4.50
N GLY D 52 -9.85 -38.81 4.73
CA GLY D 52 -10.01 -39.72 5.86
C GLY D 52 -10.27 -39.02 7.18
N ALA D 53 -10.85 -37.83 7.11
CA ALA D 53 -11.17 -37.06 8.30
C ALA D 53 -12.40 -37.65 8.97
N HIS D 54 -12.66 -37.22 10.20
CA HIS D 54 -13.96 -37.42 10.81
C HIS D 54 -14.80 -36.16 10.57
N VAL D 55 -16.00 -36.33 10.05
CA VAL D 55 -16.83 -35.17 9.75
C VAL D 55 -18.19 -35.20 10.44
N VAL D 56 -18.53 -34.08 11.09
CA VAL D 56 -19.90 -33.83 11.52
C VAL D 56 -20.41 -32.63 10.71
N VAL D 57 -21.30 -32.90 9.76
CA VAL D 57 -21.87 -31.86 8.93
C VAL D 57 -23.18 -31.33 9.52
N THR D 58 -23.51 -30.08 9.24
CA THR D 58 -24.80 -29.53 9.68
C THR D 58 -25.45 -28.59 8.67
N ALA D 59 -26.75 -28.37 8.89
CA ALA D 59 -27.60 -27.54 8.05
C ALA D 59 -29.03 -27.81 8.48
N ARG D 60 -30.00 -27.20 7.80
CA ARG D 60 -31.39 -27.36 8.22
C ARG D 60 -32.06 -28.60 7.64
N SER D 61 -31.72 -28.93 6.39
CA SER D 61 -32.37 -30.04 5.70
C SER D 61 -31.66 -31.37 5.95
N LYS D 62 -32.34 -32.29 6.65
CA LYS D 62 -31.78 -33.60 6.98
C LYS D 62 -31.69 -34.53 5.77
N GLU D 63 -32.73 -34.52 4.94
CA GLU D 63 -32.76 -35.33 3.74
C GLU D 63 -31.46 -35.16 2.97
N THR D 64 -31.08 -33.91 2.76
CA THR D 64 -29.86 -33.60 2.01
C THR D 64 -28.63 -33.92 2.85
N LEU D 65 -28.66 -33.52 4.12
CA LEU D 65 -27.56 -33.85 5.03
C LEU D 65 -27.29 -35.35 5.03
N GLN D 66 -28.32 -36.15 4.77
CA GLN D 66 -28.15 -37.60 4.71
C GLN D 66 -27.44 -38.07 3.43
N LYS D 67 -27.83 -37.50 2.29
CA LYS D 67 -27.10 -37.73 1.05
C LYS D 67 -25.61 -37.45 1.27
N VAL D 68 -25.33 -36.38 2.00
CA VAL D 68 -23.95 -35.97 2.27
C VAL D 68 -23.19 -36.99 3.13
N VAL D 69 -23.78 -37.39 4.25
CA VAL D 69 -23.14 -38.38 5.12
C VAL D 69 -22.74 -39.64 4.34
N SER D 70 -23.71 -40.25 3.67
CA SER D 70 -23.47 -41.52 2.95
C SER D 70 -22.36 -41.40 1.89
N HIS D 71 -22.37 -40.33 1.10
CA HIS D 71 -21.31 -40.15 0.13
C HIS D 71 -19.97 -39.96 0.83
N CYS D 72 -19.95 -39.17 1.90
CA CYS D 72 -18.73 -38.97 2.68
C CYS D 72 -18.09 -40.30 3.08
N LEU D 73 -18.92 -41.30 3.37
CA LEU D 73 -18.43 -42.63 3.71
C LEU D 73 -17.90 -43.37 2.48
N GLU D 74 -18.69 -43.40 1.41
CA GLU D 74 -18.24 -43.98 0.16
C GLU D 74 -16.84 -43.47 -0.16
N LEU D 75 -16.65 -42.17 0.00
CA LEU D 75 -15.37 -41.51 -0.32
C LEU D 75 -14.23 -41.87 0.63
N GLY D 76 -14.57 -42.26 1.86
CA GLY D 76 -13.56 -42.77 2.79
C GLY D 76 -13.39 -42.00 4.09
N ALA D 77 -14.45 -41.37 4.58
CA ALA D 77 -14.38 -40.70 5.86
C ALA D 77 -14.14 -41.72 6.96
N ALA D 78 -13.37 -41.33 7.97
CA ALA D 78 -13.12 -42.20 9.12
C ALA D 78 -14.42 -42.36 9.90
N SER D 79 -15.24 -41.32 9.85
CA SER D 79 -16.62 -41.37 10.32
C SER D 79 -17.36 -40.20 9.67
N ALA D 80 -18.69 -40.23 9.73
CA ALA D 80 -19.50 -39.13 9.23
C ALA D 80 -20.89 -39.16 9.88
N HIS D 81 -21.34 -37.98 10.34
CA HIS D 81 -22.67 -37.82 10.92
C HIS D 81 -23.27 -36.48 10.53
N TYR D 82 -24.60 -36.43 10.45
CA TYR D 82 -25.30 -35.15 10.33
C TYR D 82 -26.05 -34.83 11.63
N ILE D 83 -26.30 -33.55 11.85
CA ILE D 83 -27.14 -33.10 12.95
C ILE D 83 -27.95 -31.90 12.45
N ALA D 84 -29.20 -32.12 12.09
CA ALA D 84 -30.02 -31.09 11.47
C ALA D 84 -30.52 -30.05 12.47
N GLY D 85 -30.55 -28.80 12.03
CA GLY D 85 -31.05 -27.70 12.86
C GLY D 85 -30.95 -26.38 12.12
N THR D 86 -31.39 -25.30 12.78
CA THR D 86 -31.24 -23.98 12.21
C THR D 86 -30.37 -23.12 13.13
N MET D 87 -29.44 -22.38 12.52
CA MET D 87 -28.54 -21.55 13.28
C MET D 87 -29.16 -20.21 13.67
N GLU D 88 -30.47 -20.08 13.41
CA GLU D 88 -31.25 -18.99 13.97
C GLU D 88 -31.35 -19.23 15.46
N ASP D 89 -31.27 -20.51 15.85
CA ASP D 89 -31.49 -20.91 17.23
C ASP D 89 -30.16 -21.06 17.98
N MET D 90 -29.83 -20.05 18.77
CA MET D 90 -28.54 -20.00 19.43
C MET D 90 -28.39 -21.09 20.47
N THR D 91 -29.53 -21.64 20.90
CA THR D 91 -29.50 -22.80 21.77
C THR D 91 -29.11 -24.02 20.94
N PHE D 92 -29.68 -24.16 19.75
CA PHE D 92 -29.30 -25.27 18.91
C PHE D 92 -27.80 -25.26 18.61
N ALA D 93 -27.29 -24.12 18.18
CA ALA D 93 -25.88 -23.99 17.83
C ALA D 93 -24.95 -24.45 18.97
N GLU D 94 -25.32 -24.16 20.20
CA GLU D 94 -24.48 -24.51 21.32
C GLU D 94 -24.54 -26.00 21.59
N GLN D 95 -25.73 -26.57 21.43
CA GLN D 95 -25.94 -27.98 21.70
C GLN D 95 -25.37 -28.82 20.56
N PHE D 96 -25.38 -28.26 19.36
CA PHE D 96 -24.82 -28.94 18.20
C PHE D 96 -23.34 -29.28 18.45
N VAL D 97 -22.57 -28.29 18.88
CA VAL D 97 -21.13 -28.44 19.06
C VAL D 97 -20.81 -29.54 20.08
N ALA D 98 -21.50 -29.51 21.21
CA ALA D 98 -21.34 -30.55 22.23
C ALA D 98 -21.64 -31.94 21.67
N GLN D 99 -22.72 -32.06 20.92
CA GLN D 99 -23.05 -33.33 20.26
C GLN D 99 -21.95 -33.77 19.30
N ALA D 100 -21.52 -32.87 18.41
CA ALA D 100 -20.45 -33.20 17.48
C ALA D 100 -19.16 -33.56 18.22
N GLY D 101 -18.83 -32.80 19.26
CA GLY D 101 -17.69 -33.14 20.11
C GLY D 101 -17.85 -34.56 20.63
N LYS D 102 -18.98 -34.82 21.27
CA LYS D 102 -19.27 -36.14 21.83
C LYS D 102 -19.13 -37.25 20.79
N LEU D 103 -19.68 -37.04 19.59
CA LEU D 103 -19.72 -38.09 18.56
C LEU D 103 -18.34 -38.43 17.99
N MET D 104 -17.43 -37.47 18.07
CA MET D 104 -16.10 -37.67 17.52
C MET D 104 -15.08 -37.90 18.62
N GLY D 105 -15.42 -37.45 19.83
CA GLY D 105 -14.53 -37.56 20.96
C GLY D 105 -13.46 -36.50 20.86
N GLY D 106 -13.88 -35.30 20.48
CA GLY D 106 -12.96 -34.16 20.34
C GLY D 106 -13.18 -33.37 19.07
N LEU D 107 -12.41 -32.31 18.89
CA LEU D 107 -12.55 -31.41 17.74
C LEU D 107 -11.21 -30.81 17.35
N ASP D 108 -10.81 -31.00 16.10
CA ASP D 108 -9.54 -30.44 15.63
C ASP D 108 -9.77 -29.25 14.72
N MET D 109 -10.90 -29.24 14.01
CA MET D 109 -11.19 -28.16 13.09
C MET D 109 -12.67 -27.79 13.08
N LEU D 110 -12.94 -26.52 13.29
CA LEU D 110 -14.27 -25.96 13.21
C LEU D 110 -14.38 -25.11 11.94
N ILE D 111 -15.10 -25.59 10.94
CA ILE D 111 -15.32 -24.80 9.75
C ILE D 111 -16.70 -24.14 9.76
N LEU D 112 -16.70 -22.82 9.92
CA LEU D 112 -17.93 -22.03 9.95
C LEU D 112 -18.19 -21.46 8.57
N ASN D 113 -19.28 -21.88 7.92
CA ASN D 113 -19.49 -21.59 6.52
C ASN D 113 -20.94 -21.23 6.12
N HIS D 114 -21.92 -21.63 6.92
CA HIS D 114 -23.33 -21.36 6.61
C HIS D 114 -23.66 -19.87 6.54
N ILE D 115 -24.68 -19.54 5.73
CA ILE D 115 -25.26 -18.20 5.68
C ILE D 115 -26.77 -18.26 5.44
N THR D 116 -27.51 -17.29 5.98
CA THR D 116 -28.94 -17.18 5.70
C THR D 116 -29.11 -16.88 4.22
N ASN D 117 -30.21 -17.31 3.62
CA ASN D 117 -30.33 -17.14 2.18
C ASN D 117 -30.47 -15.68 1.78
N THR D 118 -29.64 -15.26 0.81
CA THR D 118 -29.50 -13.86 0.46
C THR D 118 -29.61 -13.75 -1.05
N SER D 119 -30.07 -12.60 -1.54
CA SER D 119 -30.05 -12.34 -2.97
C SER D 119 -29.71 -10.87 -3.19
N LEU D 120 -29.59 -10.47 -4.44
CA LEU D 120 -29.21 -9.10 -4.76
C LEU D 120 -30.40 -8.14 -4.67
N ASN D 121 -30.29 -7.17 -3.78
CA ASN D 121 -31.34 -6.21 -3.54
C ASN D 121 -30.75 -4.88 -3.07
N LEU D 122 -31.31 -3.79 -3.56
CA LEU D 122 -31.09 -2.49 -2.96
C LEU D 122 -31.60 -2.59 -1.53
N PHE D 123 -31.12 -1.70 -0.66
CA PHE D 123 -31.64 -1.67 0.70
C PHE D 123 -32.69 -0.58 0.86
N HIS D 124 -33.84 -0.96 1.39
CA HIS D 124 -34.88 -0.01 1.78
C HIS D 124 -35.65 -0.64 2.92
N ASP D 125 -35.49 -0.08 4.11
CA ASP D 125 -36.27 -0.50 5.30
C ASP D 125 -36.25 -1.97 5.70
N ASP D 126 -35.41 -2.79 5.05
CA ASP D 126 -35.41 -4.22 5.35
C ASP D 126 -34.60 -4.56 6.60
N ILE D 127 -35.08 -4.06 7.75
CA ILE D 127 -34.43 -4.30 9.03
C ILE D 127 -34.41 -5.78 9.36
N HIS D 128 -35.44 -6.50 8.90
CA HIS D 128 -35.53 -7.94 9.17
C HIS D 128 -34.32 -8.65 8.56
N HIS D 129 -34.03 -8.36 7.30
CA HIS D 129 -32.92 -9.02 6.65
C HIS D 129 -31.58 -8.68 7.32
N VAL D 130 -31.44 -7.44 7.78
CA VAL D 130 -30.22 -7.04 8.48
C VAL D 130 -30.05 -7.86 9.76
N ARG D 131 -31.10 -7.93 10.57
CA ARG D 131 -31.06 -8.71 11.80
C ARG D 131 -30.72 -10.18 11.57
N LYS D 132 -31.44 -10.82 10.65
CA LYS D 132 -31.24 -12.23 10.38
C LYS D 132 -29.81 -12.51 9.91
N SER D 133 -29.29 -11.63 9.06
CA SER D 133 -27.92 -11.78 8.59
C SER D 133 -26.92 -11.68 9.75
N MET D 134 -27.11 -10.70 10.63
CA MET D 134 -26.20 -10.56 11.74
C MET D 134 -26.34 -11.74 12.72
N GLU D 135 -27.57 -12.21 12.91
CA GLU D 135 -27.81 -13.35 13.78
C GLU D 135 -27.20 -14.63 13.22
N VAL D 136 -27.56 -14.98 11.99
CA VAL D 136 -27.15 -16.23 11.38
C VAL D 136 -25.72 -16.21 10.87
N ASN D 137 -25.35 -15.15 10.15
CA ASN D 137 -24.04 -15.09 9.52
C ASN D 137 -22.91 -14.74 10.47
N PHE D 138 -23.23 -14.17 11.63
CA PHE D 138 -22.18 -13.71 12.54
C PHE D 138 -22.35 -14.09 14.02
N LEU D 139 -23.51 -13.80 14.59
CA LEU D 139 -23.71 -14.15 16.00
C LEU D 139 -23.61 -15.65 16.22
N SER D 140 -24.25 -16.43 15.35
CA SER D 140 -24.19 -17.87 15.45
C SER D 140 -22.74 -18.36 15.42
N TYR D 141 -21.95 -17.84 14.48
CA TYR D 141 -20.54 -18.21 14.36
C TYR D 141 -19.80 -18.04 15.68
N VAL D 142 -20.12 -16.97 16.40
CA VAL D 142 -19.51 -16.67 17.69
C VAL D 142 -20.01 -17.63 18.76
N VAL D 143 -21.27 -18.03 18.68
CA VAL D 143 -21.80 -18.99 19.64
C VAL D 143 -21.08 -20.33 19.46
N LEU D 144 -20.95 -20.77 18.20
CA LEU D 144 -20.29 -22.03 17.87
C LEU D 144 -18.82 -22.04 18.30
N THR D 145 -18.19 -20.86 18.28
CA THR D 145 -16.79 -20.74 18.67
C THR D 145 -16.61 -20.95 20.17
N VAL D 146 -17.44 -20.29 20.96
CA VAL D 146 -17.39 -20.39 22.41
C VAL D 146 -17.64 -21.83 22.87
N ALA D 147 -18.56 -22.51 22.20
CA ALA D 147 -18.88 -23.90 22.54
C ALA D 147 -17.77 -24.84 22.09
N ALA D 148 -17.06 -24.47 21.03
CA ALA D 148 -16.05 -25.34 20.46
C ALA D 148 -14.67 -25.12 21.10
N LEU D 149 -14.50 -23.98 21.76
CA LEU D 149 -13.17 -23.55 22.21
C LEU D 149 -12.48 -24.45 23.25
N PRO D 150 -13.24 -24.98 24.23
CA PRO D 150 -12.56 -25.88 25.17
C PRO D 150 -11.94 -27.10 24.45
N MET D 151 -12.69 -27.70 23.54
CA MET D 151 -12.18 -28.85 22.81
C MET D 151 -11.01 -28.45 21.93
N LEU D 152 -11.15 -27.30 21.28
CA LEU D 152 -10.12 -26.77 20.39
C LEU D 152 -8.80 -26.46 21.12
N LYS D 153 -8.91 -26.01 22.36
CA LYS D 153 -7.72 -25.80 23.20
C LYS D 153 -6.98 -27.13 23.42
N GLN D 154 -7.74 -28.16 23.78
CA GLN D 154 -7.19 -29.49 24.00
C GLN D 154 -6.36 -30.05 22.85
N SER D 155 -6.78 -29.78 21.61
CA SER D 155 -6.11 -30.35 20.44
C SER D 155 -5.26 -29.36 19.65
N ASN D 156 -4.93 -28.21 20.26
CA ASN D 156 -4.28 -27.12 19.52
C ASN D 156 -4.94 -26.97 18.15
N GLY D 157 -6.25 -26.79 18.16
CA GLY D 157 -7.06 -26.86 16.95
C GLY D 157 -7.09 -25.63 16.08
N SER D 158 -8.01 -25.63 15.12
CA SER D 158 -8.13 -24.55 14.18
C SER D 158 -9.58 -24.14 13.98
N ILE D 159 -9.80 -22.84 13.80
CA ILE D 159 -11.12 -22.32 13.45
C ILE D 159 -11.01 -21.74 12.05
N VAL D 160 -11.92 -22.14 11.17
CA VAL D 160 -11.91 -21.63 9.81
C VAL D 160 -13.22 -20.91 9.53
N VAL D 161 -13.11 -19.59 9.32
CA VAL D 161 -14.26 -18.74 9.08
C VAL D 161 -14.33 -18.33 7.59
N VAL D 162 -15.44 -18.61 6.94
CA VAL D 162 -15.61 -18.30 5.52
C VAL D 162 -16.25 -16.93 5.28
N SER D 163 -15.59 -16.11 4.46
CA SER D 163 -16.07 -14.76 4.17
C SER D 163 -15.95 -14.49 2.67
N SER D 164 -16.00 -13.22 2.27
CA SER D 164 -16.11 -12.88 0.87
C SER D 164 -15.36 -11.61 0.54
N LEU D 165 -15.19 -11.34 -0.76
CA LEU D 165 -14.68 -10.05 -1.21
C LEU D 165 -15.48 -8.96 -0.51
N ALA D 166 -16.80 -9.14 -0.47
CA ALA D 166 -17.72 -8.16 0.13
C ALA D 166 -17.53 -8.03 1.63
N GLY D 167 -16.66 -8.86 2.21
CA GLY D 167 -16.30 -8.74 3.61
C GLY D 167 -14.96 -8.05 3.79
N LYS D 168 -14.41 -7.55 2.68
CA LYS D 168 -13.14 -6.85 2.68
C LYS D 168 -13.27 -5.46 2.04
N VAL D 169 -14.04 -5.38 0.96
CA VAL D 169 -14.36 -4.09 0.32
C VAL D 169 -15.87 -3.90 0.20
N ALA D 170 -16.29 -2.74 -0.30
CA ALA D 170 -17.71 -2.40 -0.33
C ALA D 170 -18.35 -2.52 -1.72
N TYR D 171 -19.46 -3.24 -1.77
CA TYR D 171 -20.26 -3.40 -2.99
C TYR D 171 -21.69 -2.94 -2.72
N PRO D 172 -22.45 -2.70 -3.78
CA PRO D 172 -23.87 -2.38 -3.63
C PRO D 172 -24.70 -3.65 -3.75
N MET D 173 -25.95 -3.60 -3.32
CA MET D 173 -26.89 -4.72 -3.44
C MET D 173 -26.73 -5.80 -2.36
N VAL D 174 -25.74 -5.65 -1.49
CA VAL D 174 -25.41 -6.66 -0.50
C VAL D 174 -25.11 -6.06 0.87
N ALA D 175 -25.87 -5.05 1.28
CA ALA D 175 -25.55 -4.30 2.50
C ALA D 175 -25.59 -5.09 3.81
N ALA D 176 -26.57 -5.98 3.97
CA ALA D 176 -26.67 -6.75 5.20
C ALA D 176 -25.57 -7.81 5.27
N TYR D 177 -25.39 -8.52 4.16
CA TYR D 177 -24.37 -9.54 4.01
C TYR D 177 -23.00 -8.98 4.36
N SER D 178 -22.63 -7.88 3.72
CA SER D 178 -21.35 -7.23 3.92
C SER D 178 -21.16 -6.84 5.37
N ALA D 179 -22.26 -6.45 6.01
CA ALA D 179 -22.20 -6.03 7.40
C ALA D 179 -21.82 -7.21 8.28
N SER D 180 -22.44 -8.36 8.02
CA SER D 180 -22.15 -9.55 8.80
C SER D 180 -20.75 -10.07 8.51
N LYS D 181 -20.34 -10.01 7.24
CA LYS D 181 -19.02 -10.50 6.85
C LYS D 181 -17.91 -9.66 7.46
N PHE D 182 -18.10 -8.35 7.44
CA PHE D 182 -17.19 -7.40 8.06
C PHE D 182 -17.08 -7.63 9.57
N ALA D 183 -18.22 -7.86 10.21
CA ALA D 183 -18.24 -8.17 11.63
C ALA D 183 -17.34 -9.38 11.92
N LEU D 184 -17.46 -10.41 11.08
CA LEU D 184 -16.63 -11.60 11.20
C LEU D 184 -15.15 -11.25 11.29
N ASP D 185 -14.70 -10.44 10.34
CA ASP D 185 -13.32 -10.00 10.28
C ASP D 185 -13.00 -9.27 11.58
N GLY D 186 -13.84 -8.32 11.94
CA GLY D 186 -13.60 -7.52 13.12
C GLY D 186 -13.56 -8.36 14.39
N PHE D 187 -14.45 -9.33 14.50
CA PHE D 187 -14.46 -10.14 15.70
C PHE D 187 -13.27 -11.10 15.75
N PHE D 188 -13.17 -11.96 14.74
CA PHE D 188 -12.19 -13.04 14.73
C PHE D 188 -10.74 -12.59 14.63
N SER D 189 -10.50 -11.48 13.92
CA SER D 189 -9.16 -10.94 13.82
C SER D 189 -8.73 -10.37 15.16
N SER D 190 -9.71 -9.96 15.96
CA SER D 190 -9.43 -9.39 17.27
C SER D 190 -9.07 -10.51 18.23
N ILE D 191 -9.90 -11.54 18.30
CA ILE D 191 -9.60 -12.65 19.21
C ILE D 191 -8.32 -13.36 18.78
N ARG D 192 -8.02 -13.36 17.48
CA ARG D 192 -6.78 -13.98 17.02
C ARG D 192 -5.64 -13.35 17.81
N LYS D 193 -5.63 -12.02 17.86
CA LYS D 193 -4.62 -11.30 18.59
C LYS D 193 -4.63 -11.65 20.09
N GLU D 194 -5.81 -11.82 20.68
CA GLU D 194 -5.91 -12.17 22.09
C GLU D 194 -5.25 -13.53 22.40
N TYR D 195 -5.47 -14.52 21.54
CA TYR D 195 -4.82 -15.82 21.72
C TYR D 195 -3.30 -15.71 21.65
N SER D 196 -2.82 -14.84 20.77
CA SER D 196 -1.40 -14.66 20.55
C SER D 196 -0.68 -14.16 21.80
N VAL D 197 -1.38 -13.39 22.63
CA VAL D 197 -0.75 -12.84 23.82
C VAL D 197 -1.11 -13.66 25.06
N SER D 198 -2.21 -14.40 24.97
CA SER D 198 -2.55 -15.39 26.01
C SER D 198 -1.90 -16.74 25.69
N ARG D 199 -1.14 -16.79 24.60
CA ARG D 199 -0.52 -18.02 24.13
C ARG D 199 -1.54 -19.15 24.02
N VAL D 200 -2.70 -18.83 23.43
CA VAL D 200 -3.71 -19.85 23.17
C VAL D 200 -3.44 -20.41 21.79
N ASN D 201 -3.13 -21.70 21.73
CA ASN D 201 -2.67 -22.32 20.49
C ASN D 201 -3.81 -22.83 19.62
N VAL D 202 -4.79 -21.98 19.38
CA VAL D 202 -5.82 -22.27 18.40
C VAL D 202 -5.65 -21.27 17.27
N SER D 203 -5.54 -21.76 16.04
CA SER D 203 -5.35 -20.87 14.91
C SER D 203 -6.69 -20.36 14.41
N ILE D 204 -6.66 -19.21 13.72
CA ILE D 204 -7.86 -18.61 13.17
C ILE D 204 -7.64 -18.17 11.73
N THR D 205 -8.44 -18.74 10.83
CA THR D 205 -8.28 -18.49 9.41
C THR D 205 -9.53 -17.89 8.80
N LEU D 206 -9.38 -16.66 8.29
CA LEU D 206 -10.43 -16.00 7.53
C LEU D 206 -10.21 -16.25 6.04
N CYS D 207 -11.23 -16.75 5.36
CA CYS D 207 -11.15 -17.02 3.93
C CYS D 207 -11.95 -16.01 3.12
N VAL D 208 -11.27 -15.26 2.28
CA VAL D 208 -11.90 -14.26 1.41
C VAL D 208 -12.14 -14.84 0.01
N LEU D 209 -13.42 -14.95 -0.37
CA LEU D 209 -13.76 -15.58 -1.63
C LEU D 209 -14.45 -14.62 -2.60
N GLY D 210 -14.08 -14.74 -3.87
CA GLY D 210 -14.79 -14.06 -4.94
C GLY D 210 -15.96 -14.91 -5.35
N LEU D 211 -16.44 -14.71 -6.57
CA LEU D 211 -17.59 -15.46 -7.06
C LEU D 211 -17.25 -16.93 -7.19
N ILE D 212 -18.01 -17.78 -6.50
CA ILE D 212 -17.85 -19.22 -6.61
C ILE D 212 -19.07 -19.81 -7.32
N ASP D 213 -18.86 -20.83 -8.13
CA ASP D 213 -19.91 -21.34 -9.01
C ASP D 213 -20.95 -22.24 -8.31
N THR D 214 -21.41 -21.83 -7.14
CA THR D 214 -22.46 -22.56 -6.45
C THR D 214 -23.84 -22.19 -7.01
N GLU D 215 -24.76 -23.15 -6.98
CA GLU D 215 -26.10 -22.94 -7.53
C GLU D 215 -26.78 -21.65 -7.06
N THR D 216 -26.84 -21.48 -5.74
CA THR D 216 -27.54 -20.36 -5.10
C THR D 216 -26.92 -19.00 -5.44
N ALA D 217 -25.61 -18.94 -5.48
CA ALA D 217 -24.92 -17.71 -5.85
C ALA D 217 -25.10 -17.37 -7.33
N MET D 218 -25.14 -18.40 -8.17
CA MET D 218 -25.23 -18.20 -9.63
C MET D 218 -26.61 -17.76 -10.11
N LYS D 219 -27.64 -18.12 -9.36
CA LYS D 219 -28.98 -17.62 -9.68
C LYS D 219 -29.10 -16.18 -9.19
N ALA D 220 -28.43 -15.89 -8.08
CA ALA D 220 -28.49 -14.57 -7.48
C ALA D 220 -27.82 -13.48 -8.32
N VAL D 221 -26.73 -13.81 -9.00
CA VAL D 221 -25.97 -12.81 -9.76
C VAL D 221 -26.20 -12.87 -11.28
N SER D 222 -27.06 -13.77 -11.73
CA SER D 222 -27.42 -13.81 -13.14
C SER D 222 -28.34 -12.63 -13.43
N GLY D 223 -27.91 -11.74 -14.31
CA GLY D 223 -28.55 -10.45 -14.48
C GLY D 223 -27.58 -9.44 -13.91
N ILE D 224 -26.32 -9.62 -14.24
CA ILE D 224 -25.25 -8.77 -13.74
C ILE D 224 -23.88 -9.26 -14.22
N HIS D 226 -21.12 -9.15 -15.91
CA HIS D 226 -20.76 -10.18 -14.94
C HIS D 226 -19.32 -10.63 -15.06
N MET D 227 -18.84 -11.23 -13.98
CA MET D 227 -17.49 -11.77 -13.86
C MET D 227 -17.51 -13.30 -13.94
N GLN D 228 -16.35 -13.88 -14.25
CA GLN D 228 -16.23 -15.34 -14.34
C GLN D 228 -16.22 -15.97 -12.95
N ALA D 229 -16.95 -17.07 -12.80
CA ALA D 229 -17.03 -17.76 -11.52
C ALA D 229 -15.80 -18.64 -11.30
N ALA D 230 -15.58 -19.04 -10.06
CA ALA D 230 -14.49 -19.96 -9.72
C ALA D 230 -15.11 -21.28 -9.26
N PRO D 231 -14.45 -22.40 -9.53
CA PRO D 231 -15.10 -23.67 -9.23
C PRO D 231 -15.19 -23.99 -7.73
N LYS D 232 -16.37 -24.44 -7.30
CA LYS D 232 -16.62 -24.77 -5.89
C LYS D 232 -15.69 -25.87 -5.37
N GLU D 233 -15.42 -26.85 -6.22
CA GLU D 233 -14.53 -27.98 -5.89
C GLU D 233 -13.14 -27.50 -5.48
N GLU D 234 -12.52 -26.68 -6.32
CA GLU D 234 -11.20 -26.13 -6.04
C GLU D 234 -11.24 -25.18 -4.84
N CYS D 235 -12.30 -24.38 -4.74
CA CYS D 235 -12.45 -23.42 -3.65
C CYS D 235 -12.52 -24.09 -2.29
N ALA D 236 -13.21 -25.22 -2.23
CA ALA D 236 -13.37 -25.96 -0.99
C ALA D 236 -12.03 -26.45 -0.47
N LEU D 237 -11.17 -26.86 -1.39
CA LEU D 237 -9.87 -27.39 -1.02
C LEU D 237 -8.94 -26.30 -0.49
N GLU D 238 -8.93 -25.15 -1.15
CA GLU D 238 -8.07 -24.06 -0.72
C GLU D 238 -8.42 -23.63 0.70
N ILE D 239 -9.71 -23.63 1.02
CA ILE D 239 -10.15 -23.29 2.37
C ILE D 239 -9.55 -24.23 3.41
N ILE D 240 -9.72 -25.53 3.18
CA ILE D 240 -9.20 -26.55 4.07
C ILE D 240 -7.67 -26.47 4.19
N LYS D 241 -7.00 -26.31 3.05
CA LYS D 241 -5.54 -26.17 3.03
C LYS D 241 -5.05 -25.06 3.95
N GLY D 242 -5.66 -23.87 3.80
CA GLY D 242 -5.27 -22.73 4.61
C GLY D 242 -5.58 -22.97 6.07
N GLY D 243 -6.65 -23.72 6.33
CA GLY D 243 -7.01 -24.08 7.69
C GLY D 243 -5.95 -25.00 8.26
N ALA D 244 -5.66 -26.06 7.51
CA ALA D 244 -4.66 -27.04 7.93
C ALA D 244 -3.29 -26.38 8.12
N LEU D 245 -2.98 -25.40 7.28
CA LEU D 245 -1.68 -24.75 7.35
C LEU D 245 -1.66 -23.61 8.36
N ARG D 246 -2.83 -23.25 8.88
CA ARG D 246 -2.93 -22.24 9.91
C ARG D 246 -2.50 -20.84 9.45
N GLN D 247 -2.85 -20.50 8.21
CA GLN D 247 -2.58 -19.16 7.69
C GLN D 247 -3.64 -18.23 8.27
N GLU D 248 -3.27 -16.98 8.50
CA GLU D 248 -4.23 -16.04 9.05
C GLU D 248 -5.38 -15.85 8.08
N GLU D 249 -5.07 -15.65 6.80
CA GLU D 249 -6.10 -15.37 5.80
C GLU D 249 -5.91 -16.14 4.50
N VAL D 250 -7.00 -16.33 3.77
CA VAL D 250 -6.97 -17.10 2.53
C VAL D 250 -7.76 -16.37 1.44
N TYR D 251 -7.07 -16.02 0.36
CA TYR D 251 -7.71 -15.31 -0.74
C TYR D 251 -7.89 -16.23 -1.95
N TYR D 252 -9.11 -16.31 -2.46
CA TYR D 252 -9.38 -17.17 -3.61
C TYR D 252 -10.42 -16.58 -4.56
N ASP D 253 -9.96 -16.27 -5.78
CA ASP D 253 -10.83 -15.72 -6.81
C ASP D 253 -10.43 -16.26 -8.18
N SER D 254 -11.22 -15.96 -9.20
CA SER D 254 -10.95 -16.45 -10.56
C SER D 254 -9.82 -15.65 -11.21
N SER D 255 -9.71 -14.39 -10.80
CA SER D 255 -8.70 -13.50 -11.35
C SER D 255 -7.53 -13.30 -10.39
N LEU D 256 -6.31 -13.39 -10.93
CA LEU D 256 -5.10 -13.19 -10.12
C LEU D 256 -4.94 -11.73 -9.70
N TRP D 257 -5.48 -10.81 -10.48
CA TRP D 257 -5.43 -9.41 -10.12
C TRP D 257 -6.21 -9.18 -8.83
N THR D 258 -7.36 -9.83 -8.72
CA THR D 258 -8.21 -9.67 -7.55
C THR D 258 -7.54 -10.24 -6.30
N THR D 259 -7.01 -11.45 -6.42
CA THR D 259 -6.44 -12.13 -5.26
C THR D 259 -5.24 -11.40 -4.65
N LEU D 260 -4.45 -10.74 -5.50
CA LEU D 260 -3.24 -10.06 -5.04
C LEU D 260 -3.55 -8.61 -4.69
N LEU D 261 -4.56 -8.06 -5.35
CA LEU D 261 -4.93 -6.68 -5.14
C LEU D 261 -5.73 -6.53 -3.86
N ILE D 262 -6.63 -7.48 -3.64
CA ILE D 262 -7.53 -7.41 -2.49
C ILE D 262 -6.85 -7.39 -1.13
N ARG D 263 -5.67 -8.00 -1.01
CA ARG D 263 -5.00 -8.02 0.29
C ARG D 263 -4.60 -6.62 0.73
N ASN D 264 -4.39 -6.45 2.03
CA ASN D 264 -4.09 -5.14 2.59
C ASN D 264 -2.88 -5.20 3.53
N PRO D 265 -1.68 -4.96 2.98
CA PRO D 265 -0.46 -5.08 3.76
C PRO D 265 -0.23 -3.91 4.70
N SER D 266 -0.92 -2.79 4.48
CA SER D 266 -0.83 -1.66 5.40
C SER D 266 -1.37 -2.11 6.74
N ARG D 267 -2.61 -2.59 6.74
CA ARG D 267 -3.25 -3.03 7.97
C ARG D 267 -2.38 -3.97 8.82
N LYS D 268 -1.83 -5.01 8.20
CA LYS D 268 -0.99 -5.96 8.92
C LYS D 268 0.23 -5.22 9.46
N ILE D 269 0.62 -4.18 8.74
CA ILE D 269 1.76 -3.37 9.14
C ILE D 269 1.48 -2.69 10.48
N LEU D 270 0.43 -1.86 10.52
CA LEU D 270 0.06 -1.15 11.73
C LEU D 270 -0.07 -2.11 12.91
N GLU D 271 -0.82 -3.18 12.68
CA GLU D 271 -1.14 -4.12 13.75
C GLU D 271 0.11 -4.60 14.47
N PHE D 272 1.15 -4.93 13.71
CA PHE D 272 2.38 -5.36 14.33
C PHE D 272 3.06 -4.20 15.01
N LEU D 273 2.90 -3.01 14.43
CA LEU D 273 3.53 -1.82 14.98
C LEU D 273 2.93 -1.46 16.33
N TYR D 274 1.60 -1.39 16.40
CA TYR D 274 0.94 -1.09 17.67
C TYR D 274 1.16 -2.16 18.74
N SER D 275 1.17 -3.43 18.33
CA SER D 275 1.35 -4.52 19.28
C SER D 275 2.68 -4.42 20.03
#